data_2ZYR
#
_entry.id   2ZYR
#
_cell.length_a   52.289
_cell.length_b   106.667
_cell.length_c   175.885
_cell.angle_alpha   90.00
_cell.angle_beta   90.00
_cell.angle_gamma   90.00
#
_symmetry.space_group_name_H-M   'P 21 21 21'
#
loop_
_entity.id
_entity.type
_entity.pdbx_description
1 polymer 'Lipase, putative'
2 non-polymer 'PENTAETHYLENE GLYCOL'
3 non-polymer 'MAGNESIUM ION'
4 water water
#
_entity_poly.entity_id   1
_entity_poly.type   'polypeptide(L)'
_entity_poly.pdbx_seq_one_letter_code
;MRGLAVLVLLVFAVQVAAAEDFRPVVFVHGLAGSAGQFESQGMRFAANGYPAEYVKTFEYDTISWALVVETDMLFSGLGS
EFGLNISQIIDPETLDKILSKSRERLIDETFSRLDRVIDEALAESGADKVDLVGHSMGTFFLVRYVNSSPERAAKVAHLI
LLDGVWGVDAPEGIPTLAVFGNPKALPALGLPEEKVVYNATNVYFNNMTHVQLCTSPETFAVMFEFINGYKPATTDIVPQ
DGDYVKVKGKFLAFATNGDVSGWLSIYPIDENGKRLTRLPVKFMRVKGDFEVRLRKGQLYEFQFRKDFSPIIYHYYRAPF
VRDDLWARFLVSKPPLDVELLILPERLSPAAKETSGLLLIRYKEMIGEYDEEIGGVDEVYVNGVNVCTERICPIERAVNG
LWVFDRGADGKSDLDREVVRYSIMPFMSAADLVVPAEGTISIAVKSRTGGEESFTIPAWSADRHSIIVQFSDYIVDKLAA
ALEH
;
_entity_poly.pdbx_strand_id   A,B
#
loop_
_chem_comp.id
_chem_comp.type
_chem_comp.name
_chem_comp.formula
1PE non-polymer 'PENTAETHYLENE GLYCOL' 'C10 H22 O6'
MG non-polymer 'MAGNESIUM ION' 'Mg 2'
#
# COMPACT_ATOMS: atom_id res chain seq x y z
N ASP A 21 15.06 45.16 -10.14
CA ASP A 21 15.07 44.02 -11.11
C ASP A 21 14.61 42.73 -10.42
N PHE A 22 13.65 42.03 -11.03
CA PHE A 22 13.18 40.77 -10.44
C PHE A 22 14.17 39.63 -10.70
N ARG A 23 14.19 38.64 -9.82
CA ARG A 23 15.04 37.47 -10.02
C ARG A 23 14.12 36.33 -10.43
N PRO A 24 14.67 35.34 -11.10
CA PRO A 24 13.88 34.20 -11.56
C PRO A 24 13.27 33.41 -10.40
N VAL A 25 12.16 32.76 -10.70
CA VAL A 25 11.52 31.92 -9.74
C VAL A 25 11.45 30.56 -10.44
N VAL A 26 11.75 29.49 -9.71
CA VAL A 26 11.71 28.16 -10.24
C VAL A 26 10.79 27.34 -9.39
N PHE A 27 9.76 26.78 -10.04
CA PHE A 27 8.74 25.99 -9.34
C PHE A 27 8.95 24.48 -9.50
N VAL A 28 8.86 23.71 -8.40
CA VAL A 28 8.99 22.23 -8.41
C VAL A 28 7.66 21.64 -7.95
N HIS A 29 6.98 20.96 -8.87
CA HIS A 29 5.64 20.37 -8.58
C HIS A 29 5.71 19.18 -7.67
N GLY A 30 4.51 18.70 -7.27
CA GLY A 30 4.40 17.54 -6.40
C GLY A 30 4.08 16.24 -7.15
N LEU A 31 3.69 15.21 -6.41
CA LEU A 31 3.34 13.91 -7.01
C LEU A 31 2.15 14.03 -7.94
N ALA A 32 2.31 13.45 -9.15
CA ALA A 32 1.27 13.52 -10.19
C ALA A 32 0.98 14.98 -10.62
N GLY A 33 1.94 15.86 -10.41
CA GLY A 33 1.79 17.27 -10.76
C GLY A 33 2.63 17.61 -11.97
N SER A 34 2.66 18.89 -12.33
CA SER A 34 3.47 19.34 -13.50
C SER A 34 3.49 20.87 -13.43
N ALA A 35 4.08 21.50 -14.45
CA ALA A 35 4.12 22.95 -14.55
C ALA A 35 2.72 23.54 -14.48
N GLY A 36 1.71 22.71 -14.75
CA GLY A 36 0.35 23.21 -14.73
C GLY A 36 -0.04 23.85 -13.43
N GLN A 37 0.53 23.39 -12.32
CA GLN A 37 0.15 24.02 -11.05
C GLN A 37 0.77 25.40 -10.88
N PHE A 38 1.63 25.82 -11.80
CA PHE A 38 2.20 27.18 -11.65
C PHE A 38 1.85 28.06 -12.86
N GLU A 39 0.97 27.57 -13.74
CA GLU A 39 0.60 28.29 -14.94
C GLU A 39 -0.05 29.66 -14.62
N SER A 40 -1.12 29.62 -13.81
CA SER A 40 -1.78 30.81 -13.42
C SER A 40 -0.81 31.72 -12.69
N GLN A 41 -0.02 31.16 -11.75
CA GLN A 41 0.91 32.00 -11.00
C GLN A 41 1.93 32.64 -11.93
N GLY A 42 2.42 31.89 -12.93
CA GLY A 42 3.41 32.52 -13.82
C GLY A 42 2.79 33.71 -14.55
N MET A 43 1.53 33.58 -14.92
CA MET A 43 0.87 34.67 -15.60
C MET A 43 0.67 35.85 -14.65
N ARG A 44 0.42 35.58 -13.36
CA ARG A 44 0.27 36.68 -12.39
C ARG A 44 1.64 37.35 -12.22
N PHE A 45 2.71 36.55 -12.14
CA PHE A 45 4.04 37.20 -12.01
C PHE A 45 4.28 38.15 -13.21
N ALA A 46 3.97 37.65 -14.43
CA ALA A 46 4.22 38.46 -15.63
C ALA A 46 3.33 39.72 -15.63
N ALA A 47 2.09 39.57 -15.15
CA ALA A 47 1.18 40.73 -15.09
C ALA A 47 1.72 41.77 -14.16
N ASN A 48 2.57 41.39 -13.21
CA ASN A 48 3.14 42.35 -12.30
C ASN A 48 4.55 42.83 -12.67
N GLY A 49 4.94 42.62 -13.91
CA GLY A 49 6.25 43.09 -14.35
C GLY A 49 7.35 42.09 -14.58
N TYR A 50 7.16 40.83 -14.19
CA TYR A 50 8.21 39.85 -14.42
C TYR A 50 8.29 39.46 -15.88
N PRO A 51 9.52 39.37 -16.43
CA PRO A 51 9.61 38.93 -17.82
C PRO A 51 9.00 37.46 -17.66
N ALA A 52 8.12 37.03 -18.58
CA ALA A 52 7.52 35.71 -18.44
C ALA A 52 8.57 34.59 -18.40
N GLU A 53 9.67 34.79 -19.13
CA GLU A 53 10.74 33.80 -19.16
C GLU A 53 11.42 33.63 -17.83
N TYR A 54 11.29 34.58 -16.90
CA TYR A 54 11.93 34.44 -15.58
C TYR A 54 11.19 33.42 -14.68
N VAL A 55 10.02 32.94 -15.09
CA VAL A 55 9.29 31.95 -14.26
C VAL A 55 9.55 30.59 -14.86
N LYS A 56 10.36 29.80 -14.18
CA LYS A 56 10.73 28.48 -14.70
C LYS A 56 9.99 27.40 -13.93
N THR A 57 9.84 26.25 -14.57
CA THR A 57 9.25 25.11 -13.89
C THR A 57 10.21 23.96 -14.08
N PHE A 58 10.44 23.19 -13.03
CA PHE A 58 11.33 22.06 -13.14
C PHE A 58 10.43 20.87 -13.05
N GLU A 59 10.42 20.02 -14.09
CA GLU A 59 9.53 18.86 -14.04
C GLU A 59 10.32 17.59 -13.94
N TYR A 60 9.73 16.56 -13.32
CA TYR A 60 10.47 15.33 -13.12
C TYR A 60 9.50 14.17 -12.93
N ASP A 61 10.03 12.96 -13.05
CA ASP A 61 9.18 11.77 -12.91
C ASP A 61 8.81 11.61 -11.45
N THR A 62 7.53 11.84 -11.15
CA THR A 62 7.17 11.75 -9.76
C THR A 62 7.01 10.39 -9.18
N ILE A 63 6.80 9.39 -10.05
CA ILE A 63 6.60 8.01 -9.57
C ILE A 63 7.94 7.49 -9.11
N SER A 64 8.95 7.65 -9.96
CA SER A 64 10.29 7.21 -9.53
C SER A 64 10.74 7.99 -8.29
N TRP A 65 10.47 9.30 -8.26
CA TRP A 65 10.92 10.10 -7.11
C TRP A 65 10.21 9.64 -5.80
N ALA A 66 8.89 9.52 -5.82
CA ALA A 66 8.19 9.10 -4.60
C ALA A 66 8.64 7.70 -4.13
N LEU A 67 8.78 6.76 -5.07
CA LEU A 67 9.06 5.38 -4.67
C LEU A 67 10.48 5.08 -4.35
N VAL A 68 11.40 5.74 -5.05
CA VAL A 68 12.84 5.51 -4.85
C VAL A 68 13.46 6.38 -3.79
N VAL A 69 13.03 7.64 -3.79
CA VAL A 69 13.61 8.57 -2.90
C VAL A 69 12.88 8.82 -1.62
N GLU A 70 11.62 9.21 -1.75
CA GLU A 70 10.84 9.64 -0.58
C GLU A 70 10.39 8.54 0.37
N THR A 71 10.79 7.31 0.04
CA THR A 71 10.49 6.14 0.89
C THR A 71 11.66 5.87 1.84
N ASP A 72 12.64 6.77 1.89
CA ASP A 72 13.71 6.65 2.87
C ASP A 72 13.19 7.16 4.22
N MET A 73 14.08 7.29 5.21
CA MET A 73 13.61 7.70 6.52
C MET A 73 13.86 9.18 6.88
N LEU A 74 14.41 9.96 5.94
CA LEU A 74 14.68 11.36 6.22
C LEU A 74 13.47 12.08 6.81
N PHE A 75 12.28 11.84 6.24
CA PHE A 75 11.03 12.42 6.71
C PHE A 75 10.09 11.25 7.08
N SER A 76 10.68 10.14 7.51
CA SER A 76 9.90 8.97 7.91
C SER A 76 8.91 8.52 6.83
N GLY A 77 9.33 8.67 5.57
CA GLY A 77 8.53 8.27 4.43
C GLY A 77 7.32 9.15 4.06
N LEU A 78 7.11 10.23 4.79
CA LEU A 78 5.97 11.12 4.56
C LEU A 78 5.85 11.62 3.13
N GLY A 79 6.95 12.00 2.51
CA GLY A 79 6.85 12.47 1.14
C GLY A 79 6.39 11.44 0.09
N SER A 80 6.30 10.16 0.48
CA SER A 80 5.94 9.14 -0.51
C SER A 80 4.47 8.66 -0.52
N GLU A 81 3.67 9.06 0.45
CA GLU A 81 2.31 8.52 0.56
C GLU A 81 1.46 8.44 -0.70
N PHE A 82 1.27 9.55 -1.42
CA PHE A 82 0.46 9.46 -2.65
C PHE A 82 1.12 8.61 -3.74
N GLY A 83 2.45 8.54 -3.76
CA GLY A 83 3.10 7.70 -4.76
C GLY A 83 2.80 6.23 -4.48
N LEU A 84 2.76 5.83 -3.20
CA LEU A 84 2.46 4.45 -2.85
C LEU A 84 1.07 4.10 -3.32
N ASN A 85 0.13 5.03 -3.09
CA ASN A 85 -1.24 4.73 -3.48
C ASN A 85 -1.40 4.58 -5.02
N ILE A 86 -0.92 5.57 -5.77
CA ILE A 86 -1.11 5.61 -7.22
C ILE A 86 -0.39 4.48 -7.95
N SER A 87 0.71 3.99 -7.37
CA SER A 87 1.50 2.91 -7.94
C SER A 87 0.81 1.55 -8.02
N GLN A 88 -0.31 1.40 -7.32
CA GLN A 88 -1.01 0.12 -7.36
C GLN A 88 -1.33 -0.34 -8.79
N ILE A 89 -1.51 0.59 -9.71
CA ILE A 89 -1.83 0.20 -11.06
C ILE A 89 -0.61 -0.11 -11.94
N ILE A 90 0.59 -0.06 -11.38
CA ILE A 90 1.75 -0.36 -12.23
C ILE A 90 1.99 -1.87 -12.41
N ASP A 91 2.29 -2.29 -13.65
CA ASP A 91 2.58 -3.70 -13.97
C ASP A 91 3.77 -4.15 -13.08
N PRO A 92 3.71 -5.40 -12.52
CA PRO A 92 4.76 -5.94 -11.65
C PRO A 92 6.19 -5.82 -12.19
N GLU A 93 6.39 -6.19 -13.44
CA GLU A 93 7.76 -6.12 -13.93
C GLU A 93 8.19 -4.69 -14.04
N THR A 94 7.26 -3.82 -14.37
CA THR A 94 7.62 -2.41 -14.48
C THR A 94 7.93 -1.82 -13.11
N LEU A 95 7.16 -2.19 -12.10
CA LEU A 95 7.39 -1.70 -10.73
C LEU A 95 8.76 -2.11 -10.25
N ASP A 96 9.13 -3.36 -10.54
CA ASP A 96 10.41 -3.83 -10.13
C ASP A 96 11.55 -3.06 -10.75
N LYS A 97 11.43 -2.74 -12.02
CA LYS A 97 12.43 -1.96 -12.73
C LYS A 97 12.55 -0.59 -12.06
N ILE A 98 11.41 0.02 -11.73
CA ILE A 98 11.42 1.34 -11.12
C ILE A 98 12.13 1.29 -9.78
N LEU A 99 11.82 0.27 -8.99
CA LEU A 99 12.40 0.17 -7.66
C LEU A 99 13.83 -0.24 -7.64
N SER A 100 14.30 -0.74 -8.78
CA SER A 100 15.67 -1.19 -8.83
C SER A 100 16.64 -0.04 -9.06
N LYS A 101 16.13 1.15 -9.34
CA LYS A 101 17.02 2.29 -9.57
C LYS A 101 17.83 2.72 -8.34
N SER A 102 19.10 3.02 -8.55
CA SER A 102 19.92 3.52 -7.45
C SER A 102 19.36 4.85 -6.94
N ARG A 103 19.11 4.89 -5.64
CA ARG A 103 18.61 6.06 -4.98
C ARG A 103 19.57 7.24 -4.97
N GLU A 104 20.85 6.97 -4.70
CA GLU A 104 21.88 8.03 -4.68
C GLU A 104 22.05 8.51 -6.12
N ARG A 105 22.01 7.59 -7.06
CA ARG A 105 22.13 7.98 -8.46
C ARG A 105 20.92 8.84 -8.96
N LEU A 106 19.69 8.43 -8.65
CA LEU A 106 18.52 9.21 -9.08
C LEU A 106 18.60 10.63 -8.53
N ILE A 107 18.99 10.73 -7.25
CA ILE A 107 19.11 12.01 -6.61
C ILE A 107 20.16 12.89 -7.29
N ASP A 108 21.37 12.37 -7.43
CA ASP A 108 22.41 13.18 -8.06
C ASP A 108 22.01 13.60 -9.47
N GLU A 109 21.39 12.71 -10.26
CA GLU A 109 20.98 13.03 -11.63
C GLU A 109 19.95 14.15 -11.71
N THR A 110 18.90 14.00 -10.89
CA THR A 110 17.81 14.98 -10.88
C THR A 110 18.29 16.32 -10.34
N PHE A 111 18.97 16.30 -9.19
CA PHE A 111 19.53 17.54 -8.63
C PHE A 111 20.51 18.22 -9.59
N SER A 112 21.35 17.45 -10.30
CA SER A 112 22.25 18.10 -11.29
C SER A 112 21.41 18.78 -12.39
N ARG A 113 20.27 18.18 -12.77
CA ARG A 113 19.50 18.83 -13.78
C ARG A 113 18.89 20.16 -13.22
N LEU A 114 18.49 20.17 -11.95
CA LEU A 114 17.96 21.45 -11.42
C LEU A 114 19.16 22.44 -11.33
N ASP A 115 20.37 21.96 -11.04
CA ASP A 115 21.47 22.95 -11.03
C ASP A 115 21.55 23.66 -12.35
N ARG A 116 21.47 22.88 -13.43
CA ARG A 116 21.54 23.46 -14.79
C ARG A 116 20.45 24.49 -15.07
N VAL A 117 19.21 24.17 -14.74
CA VAL A 117 18.10 25.11 -14.90
C VAL A 117 18.39 26.42 -14.13
N ILE A 118 18.81 26.30 -12.86
CA ILE A 118 19.10 27.49 -12.04
C ILE A 118 20.28 28.29 -12.65
N ASP A 119 21.37 27.60 -12.96
CA ASP A 119 22.49 28.33 -13.58
C ASP A 119 22.13 29.02 -14.89
N GLU A 120 21.32 28.39 -15.75
CA GLU A 120 20.91 29.03 -17.00
C GLU A 120 20.01 30.24 -16.70
N ALA A 121 19.13 30.08 -15.71
CA ALA A 121 18.26 31.21 -15.35
C ALA A 121 19.03 32.40 -14.79
N LEU A 122 20.04 32.14 -13.96
CA LEU A 122 20.82 33.23 -13.41
C LEU A 122 21.60 33.92 -14.56
N ALA A 123 22.14 33.11 -15.46
CA ALA A 123 22.89 33.73 -16.58
C ALA A 123 21.96 34.53 -17.50
N GLU A 124 20.76 34.04 -17.73
CA GLU A 124 19.81 34.71 -18.62
C GLU A 124 19.34 36.01 -18.02
N SER A 125 19.13 36.01 -16.70
CA SER A 125 18.62 37.19 -16.04
C SER A 125 19.67 38.10 -15.50
N GLY A 126 20.88 37.60 -15.30
CA GLY A 126 21.93 38.43 -14.70
C GLY A 126 21.76 38.54 -13.18
N ALA A 127 20.76 37.82 -12.63
CA ALA A 127 20.55 37.80 -11.17
C ALA A 127 21.64 36.98 -10.45
N ASP A 128 21.82 37.23 -9.16
CA ASP A 128 22.78 36.50 -8.39
C ASP A 128 22.18 35.20 -7.75
N LYS A 129 20.86 35.21 -7.48
CA LYS A 129 20.18 34.07 -6.85
C LYS A 129 18.77 33.97 -7.46
N VAL A 130 18.14 32.83 -7.20
CA VAL A 130 16.77 32.60 -7.67
C VAL A 130 15.88 32.33 -6.48
N ASP A 131 14.58 32.37 -6.70
CA ASP A 131 13.64 32.04 -5.62
C ASP A 131 13.15 30.65 -6.02
N LEU A 132 13.05 29.73 -5.06
CA LEU A 132 12.59 28.36 -5.35
C LEU A 132 11.25 28.12 -4.68
N VAL A 133 10.29 27.52 -5.42
CA VAL A 133 8.95 27.28 -4.81
C VAL A 133 8.66 25.78 -5.03
N GLY A 134 8.20 25.08 -4.00
CA GLY A 134 7.86 23.70 -4.16
C GLY A 134 6.43 23.51 -3.64
N HIS A 135 5.72 22.59 -4.29
CA HIS A 135 4.37 22.26 -3.84
C HIS A 135 4.30 20.76 -3.46
N SER A 136 3.76 20.50 -2.27
CA SER A 136 3.52 19.13 -1.83
C SER A 136 4.81 18.27 -1.90
N MET A 137 4.87 17.19 -2.67
CA MET A 137 6.11 16.40 -2.63
C MET A 137 7.33 17.27 -3.06
N GLY A 138 7.06 18.29 -3.85
CA GLY A 138 8.12 19.18 -4.33
C GLY A 138 8.82 19.86 -3.15
N THR A 139 8.12 20.02 -2.02
CA THR A 139 8.77 20.66 -0.85
C THR A 139 9.83 19.74 -0.23
N PHE A 140 9.54 18.45 -0.24
CA PHE A 140 10.47 17.43 0.30
C PHE A 140 11.69 17.46 -0.63
N PHE A 141 11.41 17.43 -1.93
CA PHE A 141 12.44 17.48 -2.98
C PHE A 141 13.34 18.72 -2.74
N LEU A 142 12.74 19.90 -2.55
CA LEU A 142 13.58 21.10 -2.38
C LEU A 142 14.34 21.18 -1.08
N VAL A 143 13.76 20.69 0.02
CA VAL A 143 14.49 20.71 1.30
C VAL A 143 15.74 19.82 1.12
N ARG A 144 15.54 18.63 0.53
CA ARG A 144 16.75 17.79 0.25
C ARG A 144 17.73 18.55 -0.66
N TYR A 145 17.22 19.15 -1.73
CA TYR A 145 18.07 19.85 -2.71
C TYR A 145 18.90 20.97 -2.06
N VAL A 146 18.28 21.88 -1.29
CA VAL A 146 19.11 22.94 -0.74
C VAL A 146 20.04 22.48 0.37
N ASN A 147 19.65 21.43 1.08
CA ASN A 147 20.51 20.96 2.16
C ASN A 147 21.59 20.00 1.59
N SER A 148 21.51 19.66 0.30
CA SER A 148 22.50 18.72 -0.21
C SER A 148 23.92 19.28 -0.31
N SER A 149 24.03 20.60 -0.43
CA SER A 149 25.37 21.22 -0.49
C SER A 149 25.31 22.71 -0.28
N PRO A 150 26.40 23.30 0.27
CA PRO A 150 26.34 24.75 0.47
C PRO A 150 26.32 25.50 -0.82
N GLU A 151 26.85 24.90 -1.89
CA GLU A 151 26.83 25.59 -3.17
C GLU A 151 25.40 25.71 -3.73
N ARG A 152 24.58 24.70 -3.46
CA ARG A 152 23.21 24.77 -3.98
C ARG A 152 22.44 25.79 -3.15
N ALA A 153 22.62 25.72 -1.83
CA ALA A 153 21.88 26.67 -0.99
C ALA A 153 22.27 28.10 -1.29
N ALA A 154 23.52 28.30 -1.69
CA ALA A 154 23.99 29.65 -1.96
C ALA A 154 23.26 30.35 -3.08
N LYS A 155 22.67 29.61 -4.00
CA LYS A 155 21.99 30.26 -5.07
C LYS A 155 20.52 30.57 -4.79
N VAL A 156 20.06 30.37 -3.56
CA VAL A 156 18.61 30.57 -3.30
C VAL A 156 18.36 31.80 -2.42
N ALA A 157 17.63 32.79 -2.93
CA ALA A 157 17.36 33.99 -2.16
C ALA A 157 16.21 33.70 -1.18
N HIS A 158 15.20 32.99 -1.67
CA HIS A 158 14.04 32.64 -0.82
C HIS A 158 13.52 31.25 -1.17
N LEU A 159 13.03 30.53 -0.17
CA LEU A 159 12.48 29.19 -0.41
C LEU A 159 11.01 29.23 0.06
N ILE A 160 10.10 28.78 -0.82
CA ILE A 160 8.65 28.76 -0.51
C ILE A 160 8.20 27.32 -0.56
N LEU A 161 7.57 26.85 0.52
CA LEU A 161 7.15 25.46 0.62
C LEU A 161 5.60 25.44 0.75
N LEU A 162 4.90 24.98 -0.28
CA LEU A 162 3.43 25.03 -0.26
C LEU A 162 2.77 23.71 0.06
N ASP A 163 2.08 23.72 1.21
CA ASP A 163 1.31 22.62 1.75
C ASP A 163 1.94 21.23 1.66
N GLY A 164 3.20 21.18 2.01
CA GLY A 164 3.93 19.91 1.95
C GLY A 164 4.56 19.57 3.28
N VAL A 165 5.88 19.47 3.27
CA VAL A 165 6.60 19.08 4.49
C VAL A 165 6.35 20.03 5.68
N TRP A 166 6.36 19.42 6.87
CA TRP A 166 6.20 20.14 8.11
C TRP A 166 6.97 19.43 9.19
N GLY A 167 7.11 20.08 10.36
CA GLY A 167 7.81 19.46 11.48
C GLY A 167 9.30 19.34 11.28
N VAL A 168 9.87 20.20 10.44
CA VAL A 168 11.30 20.20 10.17
C VAL A 168 11.77 21.67 10.20
N ASP A 169 13.07 21.90 10.39
CA ASP A 169 13.61 23.25 10.39
C ASP A 169 13.77 23.81 8.98
N ALA A 170 13.62 25.13 8.82
CA ALA A 170 13.87 25.80 7.55
C ALA A 170 15.37 25.62 7.29
N PRO A 171 15.74 25.40 6.03
CA PRO A 171 17.17 25.25 5.72
C PRO A 171 17.94 26.44 6.31
N GLU A 172 19.10 26.18 6.90
CA GLU A 172 19.88 27.26 7.53
C GLU A 172 20.26 28.41 6.62
N GLY A 173 19.97 29.64 7.07
CA GLY A 173 20.33 30.81 6.29
C GLY A 173 19.55 31.13 5.03
N ILE A 174 18.45 30.42 4.76
CA ILE A 174 17.67 30.71 3.56
C ILE A 174 16.28 31.14 4.09
N PRO A 175 15.87 32.38 3.83
CA PRO A 175 14.57 32.91 4.26
C PRO A 175 13.53 31.96 3.66
N THR A 176 12.73 31.36 4.52
CA THR A 176 11.76 30.36 4.06
C THR A 176 10.34 30.75 4.45
N LEU A 177 9.42 30.53 3.53
CA LEU A 177 7.99 30.80 3.74
C LEU A 177 7.31 29.46 3.54
N ALA A 178 6.40 29.08 4.45
CA ALA A 178 5.67 27.82 4.31
C ALA A 178 4.19 28.23 4.38
N VAL A 179 3.39 27.74 3.43
CA VAL A 179 2.00 28.14 3.40
C VAL A 179 1.22 26.87 3.47
N PHE A 180 0.29 26.81 4.44
CA PHE A 180 -0.43 25.56 4.60
C PHE A 180 -1.93 25.72 4.43
N GLY A 181 -2.57 24.67 3.92
CA GLY A 181 -4.01 24.70 3.74
C GLY A 181 -4.73 23.85 4.77
N ASN A 182 -6.00 23.55 4.49
CA ASN A 182 -6.78 22.68 5.39
C ASN A 182 -6.37 21.21 5.24
N PRO A 183 -5.88 20.58 6.33
CA PRO A 183 -5.44 19.18 6.34
C PRO A 183 -6.54 18.18 6.01
N LYS A 184 -7.79 18.61 6.10
CA LYS A 184 -8.89 17.68 5.73
C LYS A 184 -8.78 17.22 4.25
N ALA A 185 -8.07 17.98 3.42
CA ALA A 185 -7.93 17.61 1.99
C ALA A 185 -6.77 16.58 1.78
N LEU A 186 -6.05 16.27 2.84
CA LEU A 186 -4.92 15.30 2.80
C LEU A 186 -5.21 14.09 3.72
N PRO A 187 -4.46 12.98 3.56
CA PRO A 187 -4.62 11.76 4.38
C PRO A 187 -4.53 12.12 5.85
N ALA A 188 -5.53 11.75 6.64
CA ALA A 188 -5.47 12.13 8.04
C ALA A 188 -5.36 11.03 9.10
N LEU A 189 -4.54 10.00 8.87
CA LEU A 189 -4.42 8.97 9.91
C LEU A 189 -3.25 9.34 10.84
N GLY A 190 -2.69 10.52 10.57
CA GLY A 190 -1.61 11.07 11.36
C GLY A 190 -2.20 12.15 12.25
N LEU A 191 -1.44 12.59 13.26
CA LEU A 191 -1.96 13.61 14.18
C LEU A 191 -1.18 14.91 14.34
N PRO A 192 -1.17 15.78 13.31
CA PRO A 192 -0.42 17.03 13.46
C PRO A 192 -1.38 18.10 14.02
N GLU A 193 -1.15 18.51 15.26
CA GLU A 193 -1.99 19.52 15.90
C GLU A 193 -1.73 20.88 15.26
N GLU A 194 -0.68 20.94 14.46
CA GLU A 194 -0.34 22.17 13.76
C GLU A 194 0.80 21.80 12.82
N LYS A 195 0.84 22.44 11.66
CA LYS A 195 1.93 22.17 10.72
C LYS A 195 2.82 23.41 10.78
N VAL A 196 4.10 23.22 11.02
CA VAL A 196 4.99 24.35 11.13
C VAL A 196 6.33 23.98 10.53
N VAL A 197 6.96 24.92 9.86
CA VAL A 197 8.33 24.70 9.45
C VAL A 197 9.06 25.68 10.39
N TYR A 198 9.88 25.12 11.26
CA TYR A 198 10.58 25.91 12.26
C TYR A 198 11.51 26.94 11.69
N ASN A 199 11.40 28.14 12.23
CA ASN A 199 12.26 29.25 11.83
C ASN A 199 11.86 29.82 10.45
N ALA A 200 10.71 29.38 9.91
CA ALA A 200 10.22 29.93 8.65
C ALA A 200 9.05 30.84 9.01
N THR A 201 8.63 31.67 8.05
CA THR A 201 7.44 32.46 8.21
C THR A 201 6.37 31.44 7.77
N ASN A 202 5.40 31.18 8.65
CA ASN A 202 4.39 30.18 8.32
C ASN A 202 3.06 30.93 8.14
N VAL A 203 2.34 30.64 7.06
CA VAL A 203 1.09 31.28 6.75
C VAL A 203 0.04 30.19 6.57
N TYR A 204 -1.17 30.44 7.08
CA TYR A 204 -2.23 29.43 7.01
C TYR A 204 -3.49 29.87 6.28
N PHE A 205 -4.00 29.06 5.33
CA PHE A 205 -5.23 29.38 4.63
C PHE A 205 -6.17 28.19 4.91
N ASN A 206 -6.81 28.17 6.07
CA ASN A 206 -7.68 27.04 6.42
C ASN A 206 -8.93 26.87 5.58
N ASN A 207 -9.19 27.84 4.73
CA ASN A 207 -10.37 27.72 3.85
C ASN A 207 -9.93 27.23 2.48
N MET A 208 -8.65 26.92 2.34
CA MET A 208 -8.18 26.37 1.05
C MET A 208 -7.73 24.90 1.13
N THR A 209 -7.84 24.20 0.00
CA THR A 209 -7.44 22.82 -0.08
C THR A 209 -6.11 22.71 -0.84
N HIS A 210 -5.62 21.48 -0.89
CA HIS A 210 -4.24 21.20 -1.34
C HIS A 210 -3.67 21.83 -2.60
N VAL A 211 -4.30 21.58 -3.74
CA VAL A 211 -3.82 22.14 -5.00
C VAL A 211 -4.32 23.58 -5.12
N GLN A 212 -5.54 23.84 -4.66
CA GLN A 212 -6.05 25.21 -4.69
C GLN A 212 -4.99 26.13 -4.05
N LEU A 213 -4.40 25.71 -2.93
CA LEU A 213 -3.41 26.56 -2.24
C LEU A 213 -2.28 26.92 -3.17
N CYS A 214 -1.85 25.94 -3.96
CA CYS A 214 -0.76 26.21 -4.93
C CYS A 214 -1.09 27.25 -6.02
N THR A 215 -2.35 27.26 -6.50
CA THR A 215 -2.73 28.11 -7.62
C THR A 215 -3.49 29.41 -7.25
N SER A 216 -3.77 29.59 -5.97
CA SER A 216 -4.60 30.70 -5.56
C SER A 216 -4.00 32.09 -5.72
N PRO A 217 -4.84 33.10 -6.03
CA PRO A 217 -4.34 34.47 -6.16
C PRO A 217 -3.91 34.97 -4.75
N GLU A 218 -4.53 34.44 -3.68
CA GLU A 218 -4.10 34.90 -2.34
C GLU A 218 -2.69 34.38 -2.05
N THR A 219 -2.42 33.13 -2.45
CA THR A 219 -1.10 32.55 -2.25
C THR A 219 -0.07 33.36 -3.07
N PHE A 220 -0.49 33.72 -4.28
CA PHE A 220 0.34 34.52 -5.17
C PHE A 220 0.75 35.81 -4.44
N ALA A 221 -0.23 36.48 -3.83
CA ALA A 221 0.12 37.71 -3.15
C ALA A 221 1.11 37.53 -2.00
N VAL A 222 0.94 36.48 -1.21
CA VAL A 222 1.85 36.20 -0.07
C VAL A 222 3.25 35.89 -0.60
N MET A 223 3.31 35.11 -1.67
CA MET A 223 4.66 34.77 -2.20
C MET A 223 5.38 35.99 -2.78
N PHE A 224 4.66 36.77 -3.57
CA PHE A 224 5.24 37.93 -4.26
C PHE A 224 5.78 38.89 -3.21
N GLU A 225 4.98 39.13 -2.17
CA GLU A 225 5.44 40.04 -1.11
C GLU A 225 6.64 39.50 -0.31
N PHE A 226 6.65 38.19 -0.08
CA PHE A 226 7.74 37.57 0.66
C PHE A 226 9.07 37.73 -0.10
N ILE A 227 9.02 37.54 -1.40
CA ILE A 227 10.30 37.59 -2.16
C ILE A 227 10.67 38.96 -2.74
N ASN A 228 9.71 39.88 -2.75
CA ASN A 228 9.96 41.22 -3.31
C ASN A 228 9.90 42.38 -2.33
N GLY A 229 9.27 42.16 -1.18
CA GLY A 229 9.20 43.16 -0.14
C GLY A 229 8.04 44.13 -0.28
N TYR A 230 7.12 43.88 -1.19
CA TYR A 230 5.95 44.76 -1.31
C TYR A 230 4.84 43.97 -1.96
N LYS A 231 3.61 44.42 -1.74
CA LYS A 231 2.47 43.74 -2.29
C LYS A 231 2.35 44.00 -3.77
N PRO A 232 1.96 42.99 -4.54
CA PRO A 232 1.82 43.18 -6.00
C PRO A 232 0.65 44.12 -6.28
N ALA A 233 0.77 44.89 -7.35
CA ALA A 233 -0.29 45.80 -7.75
C ALA A 233 -1.58 45.04 -8.11
N THR A 234 -1.47 43.79 -8.56
CA THR A 234 -2.66 43.06 -8.90
C THR A 234 -2.43 41.58 -8.72
N THR A 235 -3.51 40.84 -8.52
CA THR A 235 -3.38 39.37 -8.45
C THR A 235 -4.21 38.81 -9.61
N ASP A 236 -4.75 39.69 -10.45
CA ASP A 236 -5.52 39.20 -11.63
C ASP A 236 -4.60 38.78 -12.78
N ILE A 237 -5.07 37.85 -13.63
CA ILE A 237 -4.29 37.47 -14.81
C ILE A 237 -4.75 38.56 -15.80
N VAL A 238 -4.01 39.68 -15.82
CA VAL A 238 -4.38 40.82 -16.66
C VAL A 238 -4.23 40.56 -18.17
N PRO A 239 -5.31 40.72 -18.96
CA PRO A 239 -5.09 40.47 -20.41
C PRO A 239 -4.03 41.42 -20.98
N GLN A 240 -3.23 40.95 -21.93
CA GLN A 240 -2.23 41.84 -22.50
C GLN A 240 -2.78 42.61 -23.70
N ASP A 241 -2.04 43.60 -24.19
CA ASP A 241 -2.50 44.42 -25.32
C ASP A 241 -2.31 43.66 -26.64
N GLY A 242 -3.12 43.94 -27.67
CA GLY A 242 -2.94 43.21 -28.92
C GLY A 242 -3.88 42.00 -29.02
N ASP A 243 -4.03 41.48 -30.22
CA ASP A 243 -4.97 40.40 -30.46
C ASP A 243 -4.35 38.99 -30.37
N TYR A 244 -3.04 38.91 -30.16
CA TYR A 244 -2.38 37.59 -30.19
C TYR A 244 -1.58 37.27 -28.94
N VAL A 245 -1.42 35.99 -28.64
CA VAL A 245 -0.64 35.61 -27.47
C VAL A 245 0.26 34.49 -27.90
N LYS A 246 1.39 34.37 -27.18
CA LYS A 246 2.32 33.27 -27.44
C LYS A 246 2.00 32.17 -26.44
N VAL A 247 1.91 30.95 -26.90
CA VAL A 247 1.67 29.84 -25.99
C VAL A 247 2.76 28.81 -26.18
N LYS A 248 3.45 28.52 -25.08
CA LYS A 248 4.44 27.46 -25.04
C LYS A 248 3.86 26.37 -24.17
N GLY A 249 3.77 25.17 -24.69
CA GLY A 249 3.18 24.10 -23.90
C GLY A 249 3.87 22.78 -24.11
N LYS A 250 3.39 21.75 -23.43
CA LYS A 250 4.01 20.43 -23.61
C LYS A 250 2.90 19.37 -23.50
N PHE A 251 3.04 18.31 -24.27
CA PHE A 251 2.15 17.15 -24.12
C PHE A 251 3.07 16.21 -23.40
N LEU A 252 2.71 15.80 -22.20
CA LEU A 252 3.58 14.93 -21.43
C LEU A 252 2.80 13.85 -20.72
N ALA A 253 3.53 12.82 -20.32
CA ALA A 253 2.89 11.68 -19.66
C ALA A 253 2.42 12.07 -18.25
N PHE A 254 1.15 11.77 -17.91
CA PHE A 254 0.71 12.05 -16.55
C PHE A 254 1.60 11.36 -15.53
N ALA A 255 1.98 12.14 -14.50
CA ALA A 255 2.78 11.72 -13.35
C ALA A 255 4.27 11.45 -13.60
N THR A 256 4.61 10.81 -14.71
CA THR A 256 6.05 10.55 -14.97
C THR A 256 6.66 11.68 -15.77
N ASN A 257 5.79 12.46 -16.46
CA ASN A 257 6.15 13.68 -17.16
C ASN A 257 7.14 13.59 -18.31
N GLY A 258 7.28 12.41 -18.86
CA GLY A 258 8.13 12.30 -20.05
C GLY A 258 7.45 12.93 -21.28
N ASP A 259 8.24 13.38 -22.26
CA ASP A 259 7.64 14.02 -23.45
C ASP A 259 6.80 12.99 -24.19
N VAL A 260 5.69 13.41 -24.77
CA VAL A 260 4.85 12.51 -25.51
C VAL A 260 4.86 12.86 -27.00
N SER A 261 4.94 11.84 -27.86
CA SER A 261 4.92 12.09 -29.29
C SER A 261 3.53 11.92 -29.92
N GLY A 262 3.21 12.81 -30.84
CA GLY A 262 1.93 12.72 -31.53
C GLY A 262 1.76 13.88 -32.50
N TRP A 263 0.51 14.07 -32.92
CA TRP A 263 0.15 15.10 -33.83
C TRP A 263 -0.86 16.00 -33.20
N LEU A 264 -0.54 17.30 -33.22
CA LEU A 264 -1.41 18.37 -32.70
C LEU A 264 -2.12 19.15 -33.81
N SER A 265 -3.45 19.25 -33.66
CA SER A 265 -4.23 20.02 -34.62
C SER A 265 -5.06 20.99 -33.85
N ILE A 266 -4.87 22.28 -34.07
CA ILE A 266 -5.65 23.27 -33.31
C ILE A 266 -6.74 23.90 -34.15
N TYR A 267 -7.97 23.92 -33.63
CA TYR A 267 -9.06 24.55 -34.41
C TYR A 267 -9.75 25.61 -33.59
N PRO A 268 -10.02 26.78 -34.19
CA PRO A 268 -10.73 27.81 -33.41
C PRO A 268 -12.20 27.29 -33.40
N ILE A 269 -12.92 27.47 -32.30
CA ILE A 269 -14.28 26.96 -32.25
C ILE A 269 -15.27 28.03 -31.79
N ASP A 270 -16.57 27.81 -32.08
CA ASP A 270 -17.57 28.74 -31.61
C ASP A 270 -18.05 28.32 -30.22
N GLU A 271 -19.01 29.07 -29.68
CA GLU A 271 -19.56 28.84 -28.35
C GLU A 271 -20.21 27.46 -28.16
N ASN A 272 -20.46 26.76 -29.24
CA ASN A 272 -21.05 25.43 -29.17
C ASN A 272 -20.05 24.33 -29.49
N GLY A 273 -18.81 24.74 -29.69
CA GLY A 273 -17.75 23.78 -29.96
C GLY A 273 -17.60 23.41 -31.40
N LYS A 274 -18.29 24.14 -32.27
CA LYS A 274 -18.17 23.83 -33.70
C LYS A 274 -16.89 24.44 -34.27
N ARG A 275 -16.14 23.66 -35.05
CA ARG A 275 -14.88 24.18 -35.65
C ARG A 275 -15.19 25.29 -36.65
N LEU A 276 -14.48 26.38 -36.53
CA LEU A 276 -14.72 27.51 -37.40
C LEU A 276 -13.91 27.43 -38.66
N THR A 277 -12.97 26.50 -38.74
CA THR A 277 -12.19 26.38 -39.98
C THR A 277 -12.29 24.92 -40.35
N ARG A 278 -12.28 24.65 -41.66
CA ARG A 278 -12.36 23.29 -42.16
C ARG A 278 -11.06 22.57 -41.78
N LEU A 279 -9.95 23.25 -42.00
CA LEU A 279 -8.63 22.72 -41.68
C LEU A 279 -8.12 23.38 -40.38
N PRO A 280 -7.26 22.70 -39.62
CA PRO A 280 -6.77 23.35 -38.38
C PRO A 280 -5.93 24.57 -38.68
N VAL A 281 -5.93 25.58 -37.80
CA VAL A 281 -5.10 26.76 -38.02
C VAL A 281 -3.63 26.48 -37.67
N LYS A 282 -3.38 25.42 -36.90
CA LYS A 282 -2.02 24.95 -36.59
C LYS A 282 -2.04 23.41 -36.61
N PHE A 283 -1.07 22.85 -37.33
CA PHE A 283 -0.95 21.42 -37.42
C PHE A 283 0.53 21.09 -37.31
N MET A 284 0.88 20.26 -36.34
CA MET A 284 2.29 19.91 -36.14
C MET A 284 2.56 18.61 -35.45
N ARG A 285 3.72 18.06 -35.81
CA ARG A 285 4.22 16.87 -35.19
C ARG A 285 4.75 17.44 -33.85
N VAL A 286 4.46 16.79 -32.76
CA VAL A 286 4.97 17.23 -31.48
C VAL A 286 5.70 16.10 -30.78
N LYS A 287 6.79 16.46 -30.08
CA LYS A 287 7.53 15.55 -29.27
C LYS A 287 7.67 16.34 -27.96
N GLY A 288 6.65 16.29 -27.12
CA GLY A 288 6.65 17.06 -25.90
C GLY A 288 6.28 18.52 -26.15
N ASP A 289 7.30 19.34 -26.33
CA ASP A 289 7.18 20.79 -26.53
C ASP A 289 6.50 21.24 -27.80
N PHE A 290 5.85 22.40 -27.68
CA PHE A 290 5.28 23.04 -28.82
C PHE A 290 5.13 24.51 -28.48
N GLU A 291 5.16 25.35 -29.51
CA GLU A 291 4.97 26.79 -29.33
C GLU A 291 4.07 27.26 -30.47
N VAL A 292 3.06 28.03 -30.16
CA VAL A 292 2.17 28.52 -31.20
C VAL A 292 1.73 29.93 -30.87
N ARG A 293 1.30 30.69 -31.88
CA ARG A 293 0.75 32.03 -31.68
C ARG A 293 -0.74 31.85 -31.88
N LEU A 294 -1.54 32.32 -30.93
CA LEU A 294 -2.98 32.16 -31.06
C LEU A 294 -3.68 33.49 -30.81
N ARG A 295 -4.98 33.52 -31.08
CA ARG A 295 -5.75 34.75 -30.87
C ARG A 295 -6.22 34.88 -29.43
N LYS A 296 -5.95 36.03 -28.86
CA LYS A 296 -6.37 36.32 -27.49
C LYS A 296 -7.92 36.32 -27.39
N GLY A 297 -8.45 35.63 -26.37
CA GLY A 297 -9.90 35.61 -26.17
C GLY A 297 -10.68 34.65 -27.03
N GLN A 298 -9.99 33.95 -27.91
CA GLN A 298 -10.62 32.98 -28.80
C GLN A 298 -10.67 31.56 -28.18
N LEU A 299 -11.77 30.87 -28.39
CA LEU A 299 -11.89 29.50 -27.89
C LEU A 299 -11.26 28.58 -28.92
N TYR A 300 -10.49 27.60 -28.45
CA TYR A 300 -9.88 26.61 -29.31
C TYR A 300 -10.13 25.17 -28.85
N GLU A 301 -10.05 24.26 -29.80
CA GLU A 301 -10.10 22.85 -29.53
C GLU A 301 -8.66 22.42 -29.83
N PHE A 302 -8.02 21.73 -28.88
CA PHE A 302 -6.66 21.24 -29.15
C PHE A 302 -6.88 19.76 -29.38
N GLN A 303 -6.75 19.32 -30.61
CA GLN A 303 -6.95 17.92 -30.91
C GLN A 303 -5.60 17.24 -30.94
N PHE A 304 -5.49 16.11 -30.24
CA PHE A 304 -4.23 15.39 -30.19
C PHE A 304 -4.35 13.90 -30.51
N ARG A 305 -3.42 13.42 -31.36
CA ARG A 305 -3.36 12.01 -31.64
C ARG A 305 -2.02 11.58 -31.14
N LYS A 306 -2.04 10.66 -30.19
CA LYS A 306 -0.79 10.18 -29.64
C LYS A 306 -0.37 8.96 -30.41
N ASP A 307 0.93 8.77 -30.56
CA ASP A 307 1.41 7.63 -31.31
C ASP A 307 0.93 6.33 -30.72
N PHE A 308 0.56 5.41 -31.60
CA PHE A 308 0.21 4.08 -31.20
C PHE A 308 -1.11 3.91 -30.46
N SER A 309 -1.97 4.90 -30.50
CA SER A 309 -3.26 4.77 -29.83
C SER A 309 -4.32 5.08 -30.84
N PRO A 310 -5.47 4.38 -30.80
CA PRO A 310 -6.51 4.68 -31.78
C PRO A 310 -7.41 5.85 -31.36
N ILE A 311 -7.26 6.31 -30.13
CA ILE A 311 -8.12 7.37 -29.64
C ILE A 311 -7.75 8.77 -30.09
N ILE A 312 -8.74 9.61 -30.39
CA ILE A 312 -8.44 10.98 -30.76
C ILE A 312 -8.82 11.79 -29.50
N TYR A 313 -7.90 12.63 -29.03
CA TYR A 313 -8.09 13.47 -27.83
C TYR A 313 -8.49 14.87 -28.17
N HIS A 314 -9.45 15.41 -27.41
CA HIS A 314 -9.91 16.74 -27.68
C HIS A 314 -9.84 17.46 -26.36
N TYR A 315 -8.92 18.44 -26.30
CA TYR A 315 -8.70 19.22 -25.14
C TYR A 315 -9.35 20.57 -25.27
N TYR A 316 -10.10 20.93 -24.25
CA TYR A 316 -10.80 22.22 -24.19
C TYR A 316 -10.40 22.97 -22.92
N ARG A 317 -10.42 24.31 -23.02
CA ARG A 317 -10.12 25.19 -21.87
C ARG A 317 -10.57 26.60 -22.25
N ALA A 318 -10.51 27.50 -21.28
CA ALA A 318 -10.89 28.87 -21.52
C ALA A 318 -9.84 29.51 -22.43
N PRO A 319 -10.22 30.62 -23.09
CA PRO A 319 -9.29 31.32 -23.99
C PRO A 319 -8.08 31.85 -23.26
N PHE A 320 -6.97 31.99 -23.96
CA PHE A 320 -5.78 32.58 -23.36
C PHE A 320 -5.96 34.11 -23.39
N VAL A 321 -5.55 34.81 -22.33
CA VAL A 321 -5.70 36.27 -22.38
C VAL A 321 -4.36 36.97 -22.37
N ARG A 322 -3.30 36.22 -22.16
CA ARG A 322 -1.92 36.80 -22.23
C ARG A 322 -0.97 35.64 -22.53
N ASP A 323 0.30 35.94 -22.77
CA ASP A 323 1.22 34.86 -23.06
C ASP A 323 1.22 33.82 -21.93
N ASP A 324 1.30 32.56 -22.32
CA ASP A 324 1.29 31.48 -21.36
C ASP A 324 2.41 30.51 -21.75
N LEU A 325 3.51 30.50 -21.00
CA LEU A 325 4.67 29.64 -21.30
C LEU A 325 4.64 28.34 -20.51
N TRP A 326 3.52 28.01 -19.86
CA TRP A 326 3.49 26.85 -18.95
C TRP A 326 2.28 25.95 -19.16
N ALA A 327 1.73 25.94 -20.39
CA ALA A 327 0.53 25.14 -20.65
C ALA A 327 0.84 23.64 -20.66
N ARG A 328 -0.03 22.84 -20.06
CA ARG A 328 0.29 21.43 -20.02
C ARG A 328 -0.90 20.58 -20.39
N PHE A 329 -0.65 19.67 -21.33
CA PHE A 329 -1.67 18.73 -21.78
C PHE A 329 -1.24 17.32 -21.36
N LEU A 330 -2.00 16.77 -20.41
CA LEU A 330 -1.64 15.46 -19.85
C LEU A 330 -2.11 14.32 -20.69
N VAL A 331 -1.23 13.31 -20.80
CA VAL A 331 -1.51 12.16 -21.64
C VAL A 331 -1.27 10.89 -20.84
N SER A 332 -2.17 9.93 -20.93
CA SER A 332 -1.98 8.69 -20.22
C SER A 332 -0.97 7.79 -20.97
N LYS A 333 0.10 7.41 -20.28
CA LYS A 333 1.11 6.50 -20.86
C LYS A 333 1.61 5.53 -19.79
N PRO A 334 2.20 4.41 -20.22
CA PRO A 334 2.76 3.45 -19.27
C PRO A 334 3.91 4.30 -18.70
N PRO A 335 4.40 4.02 -17.50
CA PRO A 335 3.99 2.93 -16.59
C PRO A 335 2.70 3.18 -15.85
N LEU A 336 2.27 4.43 -15.82
CA LEU A 336 1.06 4.77 -15.07
C LEU A 336 -0.05 5.14 -16.06
N ASP A 337 -0.56 4.12 -16.75
CA ASP A 337 -1.53 4.32 -17.79
C ASP A 337 -2.93 4.37 -17.18
N VAL A 338 -3.24 5.46 -16.52
CA VAL A 338 -4.52 5.61 -15.83
C VAL A 338 -5.77 5.47 -16.71
N GLU A 339 -5.65 5.84 -17.98
CA GLU A 339 -6.76 5.73 -18.92
C GLU A 339 -7.20 4.28 -19.07
N LEU A 340 -6.31 3.31 -18.82
CA LEU A 340 -6.70 1.88 -18.91
C LEU A 340 -7.88 1.61 -17.98
N LEU A 341 -8.04 2.41 -16.94
CA LEU A 341 -9.16 2.18 -16.01
C LEU A 341 -10.55 2.29 -16.66
N ILE A 342 -10.66 3.04 -17.76
CA ILE A 342 -11.97 3.19 -18.42
C ILE A 342 -12.09 2.40 -19.73
N LEU A 343 -11.10 1.52 -19.96
CA LEU A 343 -11.06 0.71 -21.15
C LEU A 343 -12.22 -0.31 -21.28
N PRO A 344 -12.61 -0.96 -20.17
CA PRO A 344 -13.71 -1.92 -20.33
C PRO A 344 -14.94 -1.27 -20.95
N GLU A 345 -15.32 -0.09 -20.45
CA GLU A 345 -16.47 0.59 -21.01
C GLU A 345 -16.24 1.10 -22.41
N ARG A 346 -15.03 1.54 -22.70
CA ARG A 346 -14.71 2.06 -24.01
C ARG A 346 -14.85 0.96 -25.05
N LEU A 347 -14.55 -0.27 -24.65
CA LEU A 347 -14.63 -1.41 -25.56
C LEU A 347 -16.06 -2.00 -25.65
N SER A 348 -17.02 -1.42 -24.89
CA SER A 348 -18.40 -1.91 -24.92
C SER A 348 -19.28 -1.25 -25.97
N PRO A 349 -20.38 -1.93 -26.34
CA PRO A 349 -21.32 -1.40 -27.34
C PRO A 349 -21.80 0.03 -27.05
N ALA A 350 -22.03 0.35 -25.77
CA ALA A 350 -22.52 1.67 -25.45
C ALA A 350 -21.55 2.80 -25.84
N ALA A 351 -20.26 2.47 -25.98
CA ALA A 351 -19.28 3.51 -26.28
C ALA A 351 -19.54 4.21 -27.61
N LYS A 352 -20.17 3.50 -28.56
CA LYS A 352 -20.48 4.09 -29.85
C LYS A 352 -21.53 5.20 -29.71
N GLU A 353 -22.31 5.16 -28.66
CA GLU A 353 -23.38 6.11 -28.47
C GLU A 353 -23.27 7.01 -27.24
N THR A 354 -22.17 6.91 -26.52
CA THR A 354 -22.06 7.71 -25.30
C THR A 354 -20.67 8.33 -25.22
N SER A 355 -20.59 9.48 -24.57
CA SER A 355 -19.31 10.22 -24.43
C SER A 355 -18.65 9.96 -23.08
N GLY A 356 -17.33 10.17 -23.05
CA GLY A 356 -16.55 10.00 -21.83
C GLY A 356 -15.72 11.28 -21.66
N LEU A 357 -15.75 11.89 -20.46
CA LEU A 357 -15.03 13.12 -20.18
C LEU A 357 -14.11 13.03 -18.98
N LEU A 358 -13.09 13.88 -18.99
CA LEU A 358 -12.21 14.03 -17.83
C LEU A 358 -12.26 15.55 -17.61
N LEU A 359 -12.75 15.97 -16.42
CA LEU A 359 -12.83 17.39 -16.12
C LEU A 359 -11.69 17.66 -15.14
N ILE A 360 -10.87 18.64 -15.46
CA ILE A 360 -9.72 18.98 -14.63
C ILE A 360 -9.78 20.39 -14.11
N ARG A 361 -9.44 20.56 -12.82
CA ARG A 361 -9.32 21.86 -12.25
C ARG A 361 -8.26 21.80 -11.18
N TYR A 362 -7.25 22.67 -11.23
CA TYR A 362 -6.17 22.62 -10.23
C TYR A 362 -6.59 23.45 -9.03
N LYS A 363 -7.68 23.01 -8.43
CA LYS A 363 -8.32 23.69 -7.28
C LYS A 363 -9.46 22.67 -7.05
N GLU A 364 -9.37 22.00 -5.92
CA GLU A 364 -10.26 20.89 -5.61
C GLU A 364 -11.72 21.19 -5.83
N MET A 365 -12.37 20.23 -6.45
CA MET A 365 -13.84 20.35 -6.71
C MET A 365 -14.39 19.66 -5.47
N ILE A 366 -15.20 20.40 -4.72
CA ILE A 366 -15.69 19.91 -3.43
C ILE A 366 -17.22 19.91 -3.39
N GLY A 367 -17.76 18.73 -3.12
CA GLY A 367 -19.23 18.62 -3.06
C GLY A 367 -19.73 18.42 -1.64
N GLU A 368 -18.80 18.36 -0.69
CA GLU A 368 -19.12 18.11 0.74
C GLU A 368 -18.93 19.42 1.50
N TYR A 369 -19.98 19.87 2.21
CA TYR A 369 -19.87 21.14 2.88
C TYR A 369 -19.13 21.07 4.21
N ASP A 370 -18.21 22.01 4.42
CA ASP A 370 -17.48 22.13 5.70
C ASP A 370 -17.34 23.60 5.98
N GLU A 371 -17.76 24.04 7.18
CA GLU A 371 -17.72 25.44 7.52
C GLU A 371 -16.34 26.06 7.35
N GLU A 372 -15.27 25.30 7.53
CA GLU A 372 -13.92 25.86 7.36
C GLU A 372 -13.63 26.22 5.91
N ILE A 373 -14.10 25.37 5.00
CA ILE A 373 -13.90 25.60 3.58
C ILE A 373 -14.86 26.70 3.13
N GLY A 374 -16.09 26.61 3.66
CA GLY A 374 -17.09 27.65 3.43
C GLY A 374 -18.04 27.60 2.26
N GLY A 375 -18.01 26.55 1.47
CA GLY A 375 -18.88 26.49 0.33
C GLY A 375 -18.56 25.27 -0.51
N VAL A 376 -19.45 24.92 -1.44
CA VAL A 376 -19.23 23.75 -2.32
C VAL A 376 -19.25 24.18 -3.76
N ASP A 377 -18.55 23.43 -4.60
CA ASP A 377 -18.62 23.69 -6.00
C ASP A 377 -19.84 22.91 -6.52
N GLU A 378 -20.33 23.31 -7.68
CA GLU A 378 -21.39 22.55 -8.38
C GLU A 378 -20.78 22.37 -9.80
N VAL A 379 -20.77 21.14 -10.29
CA VAL A 379 -20.23 20.90 -11.63
C VAL A 379 -21.34 20.18 -12.38
N TYR A 380 -21.88 20.85 -13.37
CA TYR A 380 -23.00 20.35 -14.18
C TYR A 380 -22.56 19.82 -15.51
N VAL A 381 -22.99 18.60 -15.82
CA VAL A 381 -22.77 18.02 -17.14
C VAL A 381 -24.23 17.78 -17.62
N ASN A 382 -24.61 18.39 -18.75
CA ASN A 382 -25.97 18.30 -19.32
C ASN A 382 -27.01 18.53 -18.21
N GLY A 383 -26.78 19.57 -17.43
CA GLY A 383 -27.69 19.94 -16.32
C GLY A 383 -27.68 19.07 -15.07
N VAL A 384 -26.80 18.08 -14.98
CA VAL A 384 -26.79 17.21 -13.78
C VAL A 384 -25.54 17.52 -12.96
N ASN A 385 -25.69 17.80 -11.65
CA ASN A 385 -24.52 18.13 -10.83
C ASN A 385 -23.80 16.80 -10.46
N VAL A 386 -22.54 16.67 -10.90
CA VAL A 386 -21.75 15.51 -10.57
C VAL A 386 -20.79 15.78 -9.43
N CYS A 387 -20.75 17.01 -8.91
CA CYS A 387 -19.88 17.33 -7.79
C CYS A 387 -20.70 17.16 -6.51
N THR A 388 -20.97 15.91 -6.17
CA THR A 388 -21.77 15.62 -4.99
C THR A 388 -20.93 15.31 -3.77
N GLU A 389 -21.59 15.22 -2.61
CA GLU A 389 -20.83 14.89 -1.41
C GLU A 389 -20.16 13.49 -1.48
N ARG A 390 -20.81 12.56 -2.20
CA ARG A 390 -20.25 11.23 -2.29
C ARG A 390 -19.14 11.15 -3.31
N ILE A 391 -19.27 11.88 -4.39
CA ILE A 391 -18.27 11.81 -5.48
C ILE A 391 -17.08 12.73 -5.24
N CYS A 392 -17.35 13.91 -4.70
CA CYS A 392 -16.27 14.88 -4.43
C CYS A 392 -16.15 15.28 -2.96
N PRO A 393 -15.86 14.30 -2.08
CA PRO A 393 -15.72 14.63 -0.66
C PRO A 393 -14.40 15.40 -0.51
N ILE A 394 -14.30 16.21 0.54
CA ILE A 394 -13.07 16.97 0.74
C ILE A 394 -11.82 16.09 0.83
N GLU A 395 -11.91 14.92 1.50
CA GLU A 395 -10.72 14.06 1.67
C GLU A 395 -10.15 13.48 0.37
N ARG A 396 -10.92 13.49 -0.72
CA ARG A 396 -10.44 12.96 -1.97
C ARG A 396 -9.66 14.02 -2.79
N ALA A 397 -9.77 15.31 -2.42
CA ALA A 397 -9.05 16.43 -3.09
C ALA A 397 -9.16 16.28 -4.60
N VAL A 398 -10.40 16.28 -5.07
CA VAL A 398 -10.61 16.02 -6.49
C VAL A 398 -10.19 17.11 -7.45
N ASN A 399 -9.15 16.79 -8.23
CA ASN A 399 -8.67 17.72 -9.24
C ASN A 399 -9.03 17.15 -10.66
N GLY A 400 -9.28 15.84 -10.72
CA GLY A 400 -9.62 15.23 -11.97
C GLY A 400 -10.87 14.35 -11.73
N LEU A 401 -11.94 14.69 -12.42
CA LEU A 401 -13.19 13.96 -12.32
C LEU A 401 -13.54 13.30 -13.64
N TRP A 402 -13.54 11.95 -13.66
CA TRP A 402 -13.86 11.21 -14.84
C TRP A 402 -15.40 11.08 -14.88
N VAL A 403 -16.00 11.38 -16.01
CA VAL A 403 -17.46 11.29 -16.17
C VAL A 403 -17.74 10.35 -17.34
N PHE A 404 -18.33 9.20 -17.03
CA PHE A 404 -18.61 8.23 -18.10
C PHE A 404 -19.69 7.28 -17.61
N ASP A 405 -20.18 6.46 -18.52
CA ASP A 405 -21.18 5.47 -18.18
C ASP A 405 -20.52 4.18 -17.64
N ARG A 406 -20.26 4.19 -16.33
CA ARG A 406 -19.67 3.09 -15.62
C ARG A 406 -20.62 1.88 -15.87
N GLY A 407 -20.03 0.75 -16.27
CA GLY A 407 -20.81 -0.43 -16.56
C GLY A 407 -21.32 -0.47 -17.99
N ALA A 408 -21.22 0.64 -18.74
CA ALA A 408 -21.68 0.71 -20.13
C ALA A 408 -23.14 0.19 -20.23
N ASP A 409 -23.91 0.47 -19.20
CA ASP A 409 -25.29 -0.04 -19.12
C ASP A 409 -26.43 0.94 -19.42
N GLY A 410 -26.08 2.16 -19.82
CA GLY A 410 -27.09 3.14 -20.14
C GLY A 410 -27.85 3.65 -18.92
N LYS A 411 -27.26 3.47 -17.73
CA LYS A 411 -27.87 3.92 -16.48
C LYS A 411 -26.94 4.83 -15.68
N SER A 412 -27.47 5.94 -15.18
CA SER A 412 -26.65 6.82 -14.36
C SER A 412 -26.93 6.42 -12.91
N ASP A 413 -25.88 6.16 -12.16
CA ASP A 413 -26.05 5.77 -10.77
C ASP A 413 -25.01 6.56 -10.03
N LEU A 414 -25.29 7.84 -9.83
CA LEU A 414 -24.38 8.74 -9.16
C LEU A 414 -24.12 8.38 -7.74
N ASP A 415 -25.10 7.75 -7.08
CA ASP A 415 -24.96 7.33 -5.67
C ASP A 415 -24.05 6.13 -5.41
N ARG A 416 -23.66 5.42 -6.47
CA ARG A 416 -22.79 4.26 -6.34
C ARG A 416 -21.39 4.63 -6.80
N GLU A 417 -20.48 4.69 -5.85
CA GLU A 417 -19.08 5.04 -6.10
C GLU A 417 -18.48 4.22 -7.24
N VAL A 418 -17.58 4.85 -7.98
CA VAL A 418 -16.87 4.13 -9.03
C VAL A 418 -15.60 3.76 -8.32
N VAL A 419 -15.65 2.58 -7.68
CA VAL A 419 -14.60 2.01 -6.87
C VAL A 419 -13.18 1.94 -7.45
N ARG A 420 -13.04 1.75 -8.76
CA ARG A 420 -11.69 1.63 -9.33
C ARG A 420 -10.82 2.87 -9.11
N TYR A 421 -11.46 4.01 -8.81
CA TYR A 421 -10.68 5.24 -8.57
C TYR A 421 -10.46 5.59 -7.12
N SER A 422 -11.01 4.77 -6.21
CA SER A 422 -10.92 5.10 -4.78
C SER A 422 -9.54 5.39 -4.25
N ILE A 423 -8.54 4.71 -4.78
CA ILE A 423 -7.18 4.87 -4.32
C ILE A 423 -6.36 5.82 -5.20
N MET A 424 -6.94 6.30 -6.31
CA MET A 424 -6.17 7.19 -7.15
C MET A 424 -6.15 8.61 -6.53
N PRO A 425 -4.95 9.14 -6.24
CA PRO A 425 -4.81 10.48 -5.65
C PRO A 425 -5.44 11.52 -6.55
N PHE A 426 -6.12 12.47 -5.93
CA PHE A 426 -6.70 13.61 -6.63
C PHE A 426 -7.72 13.31 -7.70
N MET A 427 -8.29 12.09 -7.74
CA MET A 427 -9.26 11.85 -8.79
C MET A 427 -10.53 11.17 -8.22
N SER A 428 -11.63 11.36 -8.92
CA SER A 428 -12.84 10.64 -8.57
C SER A 428 -13.57 10.39 -9.88
N ALA A 429 -14.78 9.80 -9.84
CA ALA A 429 -15.48 9.53 -11.08
C ALA A 429 -16.97 9.57 -10.81
N ALA A 430 -17.73 9.89 -11.84
CA ALA A 430 -19.19 10.00 -11.73
C ALA A 430 -19.80 9.12 -12.84
N ASP A 431 -20.73 8.25 -12.45
CA ASP A 431 -21.41 7.39 -13.40
C ASP A 431 -22.60 8.16 -13.98
N LEU A 432 -22.39 8.80 -15.10
CA LEU A 432 -23.43 9.60 -15.73
C LEU A 432 -23.45 9.32 -17.23
N VAL A 433 -24.63 9.00 -17.78
CA VAL A 433 -24.74 8.74 -19.22
C VAL A 433 -24.76 10.05 -19.94
N VAL A 434 -23.79 10.22 -20.86
CA VAL A 434 -23.70 11.47 -21.63
C VAL A 434 -23.87 11.06 -23.09
N PRO A 435 -25.11 11.22 -23.65
CA PRO A 435 -25.38 10.84 -25.06
C PRO A 435 -24.41 11.47 -26.08
N ALA A 436 -23.82 10.62 -26.92
CA ALA A 436 -22.88 11.11 -27.93
C ALA A 436 -23.68 11.61 -29.15
N GLU A 437 -24.57 12.54 -28.91
CA GLU A 437 -25.38 13.11 -29.95
C GLU A 437 -25.36 14.61 -29.71
N GLY A 438 -25.13 15.39 -30.76
CA GLY A 438 -25.13 16.84 -30.62
C GLY A 438 -23.99 17.42 -29.76
N THR A 439 -24.33 18.11 -28.69
CA THR A 439 -23.31 18.74 -27.83
C THR A 439 -23.45 18.33 -26.37
N ILE A 440 -22.45 18.71 -25.57
CA ILE A 440 -22.44 18.44 -24.14
C ILE A 440 -22.26 19.80 -23.50
N SER A 441 -23.06 20.07 -22.47
CA SER A 441 -23.00 21.32 -21.77
C SER A 441 -22.25 21.03 -20.46
N ILE A 442 -21.22 21.82 -20.15
CA ILE A 442 -20.47 21.59 -18.89
C ILE A 442 -20.29 22.93 -18.22
N ALA A 443 -20.66 23.03 -16.94
CA ALA A 443 -20.51 24.29 -16.27
C ALA A 443 -20.11 24.09 -14.82
N VAL A 444 -19.20 24.93 -14.34
CA VAL A 444 -18.82 24.86 -12.94
C VAL A 444 -19.27 26.17 -12.26
N LYS A 445 -19.93 26.04 -11.11
CA LYS A 445 -20.28 27.20 -10.32
C LYS A 445 -19.29 27.07 -9.16
N SER A 446 -18.26 27.93 -9.16
CA SER A 446 -17.19 27.85 -8.18
C SER A 446 -17.55 28.19 -6.76
N ARG A 447 -17.01 27.42 -5.83
CA ARG A 447 -17.25 27.70 -4.42
C ARG A 447 -16.71 29.05 -4.00
N THR A 448 -15.73 29.60 -4.74
CA THR A 448 -15.23 30.91 -4.34
C THR A 448 -15.91 32.03 -5.14
N GLY A 449 -16.91 31.67 -5.95
CA GLY A 449 -17.59 32.67 -6.77
C GLY A 449 -17.29 32.60 -8.25
N GLY A 450 -18.32 32.92 -9.03
CA GLY A 450 -18.11 32.91 -10.48
C GLY A 450 -18.48 31.60 -11.13
N GLU A 451 -18.66 31.59 -12.44
CA GLU A 451 -19.01 30.37 -13.16
C GLU A 451 -18.27 30.34 -14.46
N GLU A 452 -18.04 29.14 -14.96
CA GLU A 452 -17.38 29.01 -16.27
C GLU A 452 -18.12 27.88 -16.98
N SER A 453 -18.48 28.08 -18.24
CA SER A 453 -19.22 27.03 -18.93
C SER A 453 -18.67 26.75 -20.32
N PHE A 454 -18.79 25.49 -20.71
CA PHE A 454 -18.35 25.04 -22.02
C PHE A 454 -19.42 24.24 -22.70
N THR A 455 -19.61 24.43 -24.01
CA THR A 455 -20.53 23.55 -24.74
C THR A 455 -19.61 23.01 -25.84
N ILE A 456 -19.52 21.70 -25.93
CA ILE A 456 -18.62 21.07 -26.90
C ILE A 456 -19.32 19.95 -27.65
N PRO A 457 -18.68 19.45 -28.75
CA PRO A 457 -19.32 18.35 -29.45
C PRO A 457 -19.35 17.08 -28.57
N ALA A 458 -20.39 16.26 -28.74
CA ALA A 458 -20.53 15.04 -27.96
C ALA A 458 -19.90 13.85 -28.66
N TRP A 459 -18.55 13.92 -28.72
CA TRP A 459 -17.73 12.90 -29.34
C TRP A 459 -17.97 11.59 -28.65
N SER A 460 -18.07 10.53 -29.46
CA SER A 460 -18.32 9.18 -28.92
C SER A 460 -17.05 8.58 -28.33
N ALA A 461 -17.25 7.89 -27.20
CA ALA A 461 -16.16 7.30 -26.41
C ALA A 461 -15.38 6.18 -27.11
N ASP A 462 -16.02 5.54 -28.09
CA ASP A 462 -15.34 4.46 -28.83
C ASP A 462 -14.10 4.97 -29.60
N ARG A 463 -14.15 6.20 -30.09
CA ARG A 463 -13.02 6.78 -30.85
C ARG A 463 -12.44 8.03 -30.28
N HIS A 464 -13.16 8.67 -29.34
CA HIS A 464 -12.71 9.95 -28.79
C HIS A 464 -12.64 10.07 -27.28
N SER A 465 -11.68 10.85 -26.78
CA SER A 465 -11.60 11.14 -25.35
C SER A 465 -11.68 12.67 -25.28
N ILE A 466 -12.39 13.17 -24.28
CA ILE A 466 -12.62 14.58 -24.11
C ILE A 466 -12.03 15.02 -22.76
N ILE A 467 -11.18 16.06 -22.83
CA ILE A 467 -10.59 16.59 -21.61
C ILE A 467 -10.96 18.07 -21.51
N VAL A 468 -11.63 18.47 -20.44
CA VAL A 468 -12.01 19.86 -20.26
C VAL A 468 -11.28 20.41 -19.02
N GLN A 469 -10.46 21.43 -19.21
CA GLN A 469 -9.77 22.02 -18.10
C GLN A 469 -10.46 23.32 -17.62
N PHE A 470 -11.05 23.28 -16.43
CA PHE A 470 -11.67 24.48 -15.88
C PHE A 470 -10.56 25.40 -15.41
N SER A 471 -10.77 26.72 -15.47
CA SER A 471 -9.76 27.63 -14.97
C SER A 471 -9.67 27.51 -13.45
N ASP A 472 -8.47 27.67 -12.90
CA ASP A 472 -8.36 27.55 -11.44
C ASP A 472 -8.68 28.82 -10.69
N TYR A 473 -9.08 29.87 -11.40
CA TYR A 473 -9.64 31.03 -10.69
C TYR A 473 -10.56 31.74 -11.64
N ILE A 474 -11.70 32.18 -11.12
CA ILE A 474 -12.64 32.94 -11.92
C ILE A 474 -12.83 34.28 -11.19
N VAL A 475 -12.60 35.39 -11.89
CA VAL A 475 -12.85 36.70 -11.32
C VAL A 475 -14.21 37.12 -11.92
N ASP A 476 -15.21 37.16 -11.07
CA ASP A 476 -16.58 37.48 -11.48
C ASP A 476 -16.84 38.97 -11.16
N LYS A 477 -17.20 39.78 -12.16
CA LYS A 477 -17.46 41.20 -11.91
C LYS A 477 -18.44 41.48 -10.79
N LEU A 478 -19.62 40.87 -10.83
CA LEU A 478 -20.60 41.16 -9.80
C LEU A 478 -20.17 40.69 -8.41
N ALA A 479 -19.61 39.48 -8.34
CA ALA A 479 -19.20 38.95 -7.04
C ALA A 479 -18.12 39.83 -6.40
N ALA A 480 -17.14 40.25 -7.20
CA ALA A 480 -16.07 41.13 -6.70
C ALA A 480 -16.70 42.44 -6.22
N ALA A 481 -17.66 42.95 -6.97
CA ALA A 481 -18.32 44.21 -6.59
C ALA A 481 -19.14 44.04 -5.32
N LEU A 482 -19.79 42.90 -5.15
CA LEU A 482 -20.58 42.64 -3.96
C LEU A 482 -19.69 42.59 -2.71
N GLU A 483 -18.51 41.98 -2.88
CA GLU A 483 -17.55 41.89 -1.78
C GLU A 483 -17.05 43.31 -1.49
N HIS A 484 -16.69 44.06 -2.52
CA HIS A 484 -16.21 45.43 -2.31
C HIS A 484 -17.33 46.26 -1.66
N ASP B 21 29.26 -25.53 24.67
CA ASP B 21 28.39 -24.72 23.81
C ASP B 21 27.32 -25.59 23.08
N PHE B 22 26.76 -25.07 22.00
CA PHE B 22 25.66 -25.75 21.36
C PHE B 22 25.82 -25.84 19.87
N ARG B 23 25.06 -26.77 19.28
CA ARG B 23 25.03 -26.93 17.81
C ARG B 23 23.72 -26.27 17.29
N PRO B 24 23.71 -25.85 16.03
CA PRO B 24 22.51 -25.23 15.46
C PRO B 24 21.33 -26.21 15.50
N VAL B 25 20.13 -25.65 15.53
CA VAL B 25 18.91 -26.51 15.47
C VAL B 25 18.15 -25.92 14.27
N VAL B 26 17.68 -26.77 13.36
CA VAL B 26 16.97 -26.32 12.18
C VAL B 26 15.58 -26.95 12.25
N PHE B 27 14.58 -26.10 12.23
CA PHE B 27 13.17 -26.55 12.27
C PHE B 27 12.55 -26.53 10.87
N VAL B 28 11.78 -27.60 10.56
CA VAL B 28 11.06 -27.73 9.30
C VAL B 28 9.56 -27.85 9.69
N HIS B 29 8.76 -26.85 9.30
CA HIS B 29 7.34 -26.75 9.64
C HIS B 29 6.53 -27.72 8.81
N GLY B 30 5.26 -27.79 9.13
CA GLY B 30 4.38 -28.66 8.39
C GLY B 30 3.47 -27.96 7.41
N LEU B 31 2.36 -28.62 7.05
CA LEU B 31 1.42 -28.11 6.05
C LEU B 31 0.79 -26.79 6.54
N ALA B 32 0.83 -25.76 5.68
CA ALA B 32 0.29 -24.43 6.01
C ALA B 32 1.01 -23.80 7.25
N GLY B 33 2.24 -24.26 7.54
CA GLY B 33 2.93 -23.73 8.70
C GLY B 33 4.08 -22.82 8.24
N SER B 34 4.87 -22.38 9.20
CA SER B 34 6.01 -21.50 8.88
C SER B 34 6.95 -21.50 10.09
N ALA B 35 7.97 -20.64 10.04
CA ALA B 35 8.88 -20.48 11.14
C ALA B 35 8.09 -20.03 12.40
N GLY B 36 6.89 -19.50 12.23
CA GLY B 36 6.15 -19.05 13.44
C GLY B 36 5.90 -20.14 14.47
N GLN B 37 5.92 -21.38 14.03
CA GLN B 37 5.70 -22.49 14.99
C GLN B 37 6.92 -22.78 15.80
N PHE B 38 8.05 -22.12 15.46
CA PHE B 38 9.24 -22.32 16.29
C PHE B 38 9.72 -21.02 16.92
N GLU B 39 8.93 -19.96 16.82
CA GLU B 39 9.29 -18.66 17.35
C GLU B 39 9.47 -18.66 18.84
N SER B 40 8.46 -19.14 19.54
CA SER B 40 8.60 -19.25 20.99
C SER B 40 9.74 -20.19 21.36
N GLN B 41 9.87 -21.32 20.66
CA GLN B 41 10.97 -22.25 20.98
C GLN B 41 12.32 -21.58 20.75
N GLY B 42 12.40 -20.72 19.71
CA GLY B 42 13.67 -19.98 19.44
C GLY B 42 14.07 -19.15 20.67
N MET B 43 13.10 -18.39 21.17
CA MET B 43 13.33 -17.59 22.33
C MET B 43 13.75 -18.43 23.55
N ARG B 44 13.16 -19.63 23.72
CA ARG B 44 13.58 -20.45 24.88
C ARG B 44 15.01 -20.97 24.68
N PHE B 45 15.34 -21.37 23.46
CA PHE B 45 16.70 -21.81 23.25
C PHE B 45 17.68 -20.70 23.57
N ALA B 46 17.34 -19.48 23.17
CA ALA B 46 18.24 -18.36 23.41
C ALA B 46 18.31 -17.99 24.89
N ALA B 47 17.19 -18.13 25.62
CA ALA B 47 17.24 -17.84 27.06
C ALA B 47 18.09 -18.89 27.81
N ASN B 48 18.35 -20.04 27.18
CA ASN B 48 19.17 -21.04 27.80
C ASN B 48 20.59 -21.05 27.26
N GLY B 49 21.00 -19.94 26.67
CA GLY B 49 22.40 -19.89 26.25
C GLY B 49 22.71 -20.04 24.77
N TYR B 50 21.74 -20.49 23.98
CA TYR B 50 21.99 -20.60 22.52
C TYR B 50 22.08 -19.21 21.89
N PRO B 51 23.10 -18.95 21.09
CA PRO B 51 23.08 -17.62 20.46
C PRO B 51 21.76 -17.73 19.62
N ALA B 52 20.98 -16.67 19.46
CA ALA B 52 19.71 -16.80 18.70
C ALA B 52 19.91 -17.20 17.26
N GLU B 53 21.00 -16.72 16.66
CA GLU B 53 21.29 -17.08 15.28
C GLU B 53 21.46 -18.58 15.04
N TYR B 54 21.72 -19.35 16.10
CA TYR B 54 21.89 -20.80 15.96
C TYR B 54 20.54 -21.50 15.74
N VAL B 55 19.42 -20.80 15.98
CA VAL B 55 18.13 -21.46 15.75
C VAL B 55 17.64 -21.10 14.33
N LYS B 56 17.68 -22.06 13.43
CA LYS B 56 17.28 -21.83 12.04
C LYS B 56 15.92 -22.40 11.71
N THR B 57 15.28 -21.85 10.70
CA THR B 57 13.99 -22.40 10.30
C THR B 57 14.11 -22.58 8.78
N PHE B 58 13.59 -23.66 8.27
CA PHE B 58 13.68 -23.91 6.81
C PHE B 58 12.25 -23.86 6.35
N GLU B 59 11.95 -22.96 5.42
CA GLU B 59 10.58 -22.85 4.97
C GLU B 59 10.49 -23.32 3.54
N TYR B 60 9.30 -23.83 3.19
CA TYR B 60 9.12 -24.35 1.85
C TYR B 60 7.65 -24.29 1.48
N ASP B 61 7.37 -24.50 0.19
CA ASP B 61 5.99 -24.42 -0.30
C ASP B 61 5.27 -25.72 0.07
N THR B 62 4.34 -25.65 1.04
CA THR B 62 3.70 -26.91 1.47
C THR B 62 2.58 -27.37 0.58
N ILE B 63 2.06 -26.48 -0.26
CA ILE B 63 0.95 -26.87 -1.20
C ILE B 63 1.59 -27.79 -2.24
N SER B 64 2.67 -27.35 -2.86
CA SER B 64 3.33 -28.25 -3.81
C SER B 64 3.87 -29.55 -3.17
N TRP B 65 4.49 -29.42 -1.99
CA TRP B 65 5.09 -30.59 -1.35
C TRP B 65 4.02 -31.62 -1.04
N ALA B 66 2.97 -31.17 -0.39
CA ALA B 66 1.91 -32.12 -0.07
C ALA B 66 1.34 -32.83 -1.31
N LEU B 67 1.05 -32.05 -2.33
CA LEU B 67 0.37 -32.60 -3.54
C LEU B 67 1.30 -33.40 -4.45
N VAL B 68 2.55 -32.97 -4.57
CA VAL B 68 3.50 -33.63 -5.49
C VAL B 68 4.32 -34.71 -4.86
N VAL B 69 4.77 -34.49 -3.61
CA VAL B 69 5.59 -35.48 -2.94
C VAL B 69 4.88 -36.43 -2.02
N GLU B 70 4.14 -35.87 -1.06
CA GLU B 70 3.53 -36.70 -0.07
C GLU B 70 2.37 -37.60 -0.48
N THR B 71 1.92 -37.43 -1.71
CA THR B 71 0.87 -38.32 -2.21
C THR B 71 1.58 -39.56 -2.85
N ASP B 72 2.89 -39.71 -2.70
CA ASP B 72 3.56 -40.91 -3.28
C ASP B 72 3.42 -42.08 -2.29
N MET B 73 4.09 -43.20 -2.51
CA MET B 73 3.88 -44.29 -1.56
C MET B 73 4.99 -44.57 -0.57
N LEU B 74 5.89 -43.61 -0.38
CA LEU B 74 7.02 -43.86 0.50
C LEU B 74 6.59 -44.26 1.90
N PHE B 75 5.52 -43.66 2.37
CA PHE B 75 5.04 -43.97 3.70
C PHE B 75 3.68 -44.64 3.61
N SER B 76 3.49 -45.40 2.55
CA SER B 76 2.24 -46.14 2.35
C SER B 76 1.01 -45.27 2.29
N GLY B 77 1.19 -44.01 1.93
CA GLY B 77 0.05 -43.12 1.85
C GLY B 77 -0.28 -42.50 3.19
N LEU B 78 0.55 -42.71 4.21
CA LEU B 78 0.25 -42.10 5.52
C LEU B 78 0.12 -40.57 5.43
N GLY B 79 0.99 -39.94 4.63
CA GLY B 79 0.93 -38.49 4.51
C GLY B 79 0.09 -37.95 3.34
N SER B 80 -0.61 -38.86 2.66
CA SER B 80 -1.44 -38.49 1.50
C SER B 80 -2.58 -37.50 1.83
N GLU B 81 -3.05 -37.51 3.08
CA GLU B 81 -4.14 -36.63 3.53
C GLU B 81 -3.85 -35.11 3.45
N PHE B 82 -2.59 -34.72 3.57
CA PHE B 82 -2.25 -33.28 3.49
C PHE B 82 -2.61 -32.74 2.10
N GLY B 83 -2.24 -33.55 1.09
CA GLY B 83 -2.49 -33.22 -0.31
C GLY B 83 -3.98 -33.27 -0.64
N LEU B 84 -4.64 -34.35 -0.19
CA LEU B 84 -6.06 -34.48 -0.44
C LEU B 84 -6.82 -33.23 0.00
N ASN B 85 -6.62 -32.81 1.23
CA ASN B 85 -7.36 -31.67 1.69
C ASN B 85 -7.06 -30.40 0.93
N ILE B 86 -5.83 -30.31 0.40
CA ILE B 86 -5.44 -29.14 -0.36
C ILE B 86 -6.13 -29.14 -1.74
N SER B 87 -6.19 -30.33 -2.36
CA SER B 87 -6.81 -30.54 -3.67
C SER B 87 -8.26 -30.05 -3.73
N GLN B 88 -8.87 -30.01 -2.54
CA GLN B 88 -10.27 -29.60 -2.43
C GLN B 88 -10.52 -28.10 -2.40
N ILE B 89 -9.47 -27.32 -2.20
CA ILE B 89 -9.67 -25.88 -2.10
C ILE B 89 -9.13 -25.05 -3.27
N ILE B 90 -8.06 -25.53 -3.90
CA ILE B 90 -7.42 -24.86 -5.04
C ILE B 90 -8.21 -25.06 -6.34
N ASP B 91 -8.30 -24.07 -7.21
CA ASP B 91 -9.09 -24.33 -8.42
C ASP B 91 -8.39 -25.40 -9.28
N PRO B 92 -9.18 -26.19 -10.01
CA PRO B 92 -8.73 -27.27 -10.87
C PRO B 92 -7.61 -26.95 -11.86
N GLU B 93 -7.62 -25.76 -12.44
CA GLU B 93 -6.55 -25.42 -13.39
C GLU B 93 -5.22 -25.28 -12.65
N THR B 94 -5.22 -24.57 -11.52
CA THR B 94 -4.00 -24.40 -10.78
C THR B 94 -3.51 -25.73 -10.29
N LEU B 95 -4.43 -26.54 -9.77
CA LEU B 95 -4.07 -27.85 -9.28
C LEU B 95 -3.42 -28.70 -10.35
N ASP B 96 -4.01 -28.76 -11.53
CA ASP B 96 -3.42 -29.60 -12.55
C ASP B 96 -2.01 -29.11 -12.92
N LYS B 97 -1.78 -27.81 -12.89
CA LYS B 97 -0.43 -27.31 -13.20
C LYS B 97 0.56 -27.77 -12.10
N ILE B 98 0.12 -27.62 -10.83
CA ILE B 98 0.96 -28.03 -9.72
C ILE B 98 1.25 -29.51 -9.84
N LEU B 99 0.23 -30.32 -10.09
CA LEU B 99 0.46 -31.74 -10.19
C LEU B 99 1.31 -32.06 -11.42
N SER B 100 1.54 -31.13 -12.30
CA SER B 100 2.40 -31.50 -13.45
C SER B 100 3.88 -31.31 -13.12
N LYS B 101 4.17 -30.82 -11.91
CA LYS B 101 5.59 -30.64 -11.48
C LYS B 101 6.26 -31.99 -11.32
N SER B 102 7.56 -32.05 -11.61
CA SER B 102 8.30 -33.29 -11.48
C SER B 102 8.61 -33.54 -10.01
N ARG B 103 8.16 -34.69 -9.47
CA ARG B 103 8.41 -34.99 -8.06
C ARG B 103 9.92 -35.06 -7.75
N GLU B 104 10.68 -35.76 -8.61
CA GLU B 104 12.10 -35.86 -8.37
C GLU B 104 12.80 -34.49 -8.39
N ARG B 105 12.44 -33.64 -9.33
CA ARG B 105 13.06 -32.31 -9.43
C ARG B 105 12.68 -31.49 -8.18
N LEU B 106 11.42 -31.58 -7.73
CA LEU B 106 11.01 -30.79 -6.54
C LEU B 106 11.76 -31.23 -5.29
N ILE B 107 11.90 -32.55 -5.08
CA ILE B 107 12.63 -33.08 -3.93
C ILE B 107 14.08 -32.65 -4.03
N ASP B 108 14.70 -32.84 -5.18
CA ASP B 108 16.12 -32.48 -5.26
C ASP B 108 16.35 -30.98 -5.02
N GLU B 109 15.51 -30.14 -5.61
CA GLU B 109 15.65 -28.72 -5.44
C GLU B 109 15.49 -28.31 -3.98
N THR B 110 14.45 -28.85 -3.35
CA THR B 110 14.20 -28.45 -1.97
C THR B 110 15.23 -28.99 -0.98
N PHE B 111 15.65 -30.22 -1.15
CA PHE B 111 16.60 -30.81 -0.27
C PHE B 111 17.94 -30.09 -0.46
N SER B 112 18.22 -29.67 -1.68
CA SER B 112 19.46 -28.93 -1.89
C SER B 112 19.42 -27.61 -1.15
N ARG B 113 18.25 -26.98 -1.10
CA ARG B 113 18.17 -25.75 -0.36
C ARG B 113 18.43 -26.00 1.15
N LEU B 114 17.89 -27.09 1.71
CA LEU B 114 18.13 -27.40 3.13
C LEU B 114 19.60 -27.74 3.29
N ASP B 115 20.19 -28.43 2.32
CA ASP B 115 21.63 -28.70 2.46
C ASP B 115 22.37 -27.41 2.68
N ARG B 116 21.96 -26.36 1.95
CA ARG B 116 22.65 -25.07 2.01
C ARG B 116 22.43 -24.41 3.35
N VAL B 117 21.17 -24.47 3.83
CA VAL B 117 20.93 -23.90 5.15
C VAL B 117 21.80 -24.59 6.21
N ILE B 118 21.90 -25.93 6.16
CA ILE B 118 22.68 -26.64 7.13
C ILE B 118 24.16 -26.29 6.95
N ASP B 119 24.65 -26.29 5.71
CA ASP B 119 26.07 -25.93 5.55
C ASP B 119 26.40 -24.52 6.04
N GLU B 120 25.54 -23.54 5.77
CA GLU B 120 25.77 -22.20 6.28
C GLU B 120 25.76 -22.18 7.81
N ALA B 121 24.81 -22.92 8.42
CA ALA B 121 24.72 -22.94 9.89
C ALA B 121 25.97 -23.60 10.52
N LEU B 122 26.50 -24.62 9.88
CA LEU B 122 27.67 -25.30 10.40
C LEU B 122 28.90 -24.36 10.25
N ALA B 123 28.97 -23.59 9.16
CA ALA B 123 30.11 -22.67 8.95
C ALA B 123 30.02 -21.53 9.96
N GLU B 124 28.79 -21.05 10.21
CA GLU B 124 28.57 -19.97 11.15
C GLU B 124 28.87 -20.34 12.60
N SER B 125 28.39 -21.52 13.01
CA SER B 125 28.59 -21.98 14.36
C SER B 125 29.88 -22.69 14.65
N GLY B 126 30.50 -23.28 13.62
CA GLY B 126 31.70 -24.07 13.83
C GLY B 126 31.37 -25.46 14.38
N ALA B 127 30.08 -25.83 14.39
CA ALA B 127 29.72 -27.15 14.91
C ALA B 127 30.04 -28.23 13.91
N ASP B 128 30.09 -29.48 14.40
CA ASP B 128 30.35 -30.66 13.60
C ASP B 128 29.10 -31.11 12.85
N LYS B 129 27.96 -30.92 13.52
CA LYS B 129 26.65 -31.34 13.03
C LYS B 129 25.52 -30.40 13.55
N VAL B 130 24.32 -30.60 13.03
CA VAL B 130 23.17 -29.83 13.49
C VAL B 130 22.11 -30.81 14.04
N ASP B 131 21.13 -30.27 14.77
CA ASP B 131 20.00 -31.09 15.22
C ASP B 131 18.80 -30.66 14.32
N LEU B 132 18.02 -31.62 13.83
CA LEU B 132 16.90 -31.29 12.94
C LEU B 132 15.60 -31.59 13.69
N VAL B 133 14.66 -30.65 13.60
CA VAL B 133 13.34 -30.81 14.22
C VAL B 133 12.26 -30.62 13.16
N GLY B 134 11.30 -31.55 13.05
CA GLY B 134 10.23 -31.39 12.11
C GLY B 134 8.87 -31.46 12.85
N HIS B 135 7.90 -30.73 12.33
CA HIS B 135 6.53 -30.79 12.88
C HIS B 135 5.55 -31.22 11.79
N SER B 136 4.73 -32.22 12.11
CA SER B 136 3.70 -32.67 11.23
C SER B 136 4.20 -33.06 9.84
N MET B 137 3.73 -32.44 8.78
CA MET B 137 4.25 -32.88 7.45
C MET B 137 5.81 -32.72 7.41
N GLY B 138 6.32 -31.79 8.21
CA GLY B 138 7.77 -31.58 8.29
C GLY B 138 8.54 -32.85 8.74
N THR B 139 7.88 -33.76 9.47
CA THR B 139 8.57 -35.00 9.89
C THR B 139 8.71 -35.94 8.70
N PHE B 140 7.72 -35.96 7.80
CA PHE B 140 7.78 -36.82 6.60
C PHE B 140 8.92 -36.30 5.71
N PHE B 141 8.91 -34.98 5.57
CA PHE B 141 9.96 -34.30 4.80
C PHE B 141 11.34 -34.70 5.35
N LEU B 142 11.53 -34.56 6.68
CA LEU B 142 12.84 -34.87 7.28
C LEU B 142 13.30 -36.30 7.24
N VAL B 143 12.37 -37.26 7.39
CA VAL B 143 12.76 -38.65 7.27
C VAL B 143 13.24 -38.92 5.82
N ARG B 144 12.53 -38.41 4.82
CA ARG B 144 12.97 -38.59 3.45
C ARG B 144 14.33 -37.95 3.27
N TYR B 145 14.44 -36.73 3.76
CA TYR B 145 15.72 -36.01 3.68
C TYR B 145 16.92 -36.74 4.32
N VAL B 146 16.83 -37.12 5.61
CA VAL B 146 17.96 -37.81 6.25
C VAL B 146 18.24 -39.20 5.56
N ASN B 147 17.21 -39.87 5.08
CA ASN B 147 17.43 -41.16 4.42
C ASN B 147 17.86 -41.04 2.93
N SER B 148 17.88 -39.83 2.38
CA SER B 148 18.19 -39.69 0.97
C SER B 148 19.65 -39.92 0.62
N SER B 149 20.55 -39.82 1.59
CA SER B 149 21.98 -40.07 1.37
C SER B 149 22.76 -40.08 2.67
N PRO B 150 23.83 -40.87 2.69
CA PRO B 150 24.65 -40.92 3.89
C PRO B 150 25.35 -39.57 4.11
N GLU B 151 25.57 -38.78 3.06
CA GLU B 151 26.22 -37.49 3.26
C GLU B 151 25.33 -36.55 4.10
N ARG B 152 24.03 -36.63 3.81
CA ARG B 152 23.06 -35.81 4.54
C ARG B 152 22.92 -36.25 5.98
N ALA B 153 22.75 -37.55 6.18
CA ALA B 153 22.57 -38.09 7.51
C ALA B 153 23.82 -37.84 8.38
N ALA B 154 25.00 -37.80 7.75
CA ALA B 154 26.22 -37.61 8.52
C ALA B 154 26.28 -36.28 9.23
N LYS B 155 25.54 -35.29 8.75
CA LYS B 155 25.56 -33.97 9.37
C LYS B 155 24.50 -33.80 10.43
N VAL B 156 23.81 -34.86 10.78
CA VAL B 156 22.72 -34.75 11.76
C VAL B 156 23.05 -35.44 13.07
N ALA B 157 23.06 -34.69 14.18
CA ALA B 157 23.37 -35.26 15.47
C ALA B 157 22.14 -35.87 16.12
N HIS B 158 21.00 -35.20 15.95
CA HIS B 158 19.76 -35.67 16.55
C HIS B 158 18.62 -35.29 15.64
N LEU B 159 17.59 -36.15 15.58
CA LEU B 159 16.40 -35.90 14.80
C LEU B 159 15.17 -35.91 15.73
N ILE B 160 14.40 -34.83 15.68
CA ILE B 160 13.16 -34.73 16.51
C ILE B 160 11.92 -34.68 15.59
N LEU B 161 10.95 -35.59 15.82
CA LEU B 161 9.77 -35.68 14.94
C LEU B 161 8.56 -35.37 15.80
N LEU B 162 7.99 -34.19 15.60
CA LEU B 162 6.86 -33.73 16.41
C LEU B 162 5.47 -33.91 15.81
N ASP B 163 4.70 -34.78 16.46
CA ASP B 163 3.31 -35.08 16.10
C ASP B 163 3.05 -35.31 14.64
N GLY B 164 3.93 -36.08 14.00
CA GLY B 164 3.75 -36.34 12.60
C GLY B 164 3.80 -37.80 12.25
N VAL B 165 4.81 -38.17 11.49
CA VAL B 165 4.98 -39.54 11.03
C VAL B 165 5.07 -40.58 12.17
N TRP B 166 4.49 -41.75 11.93
CA TRP B 166 4.56 -42.81 12.92
C TRP B 166 4.50 -44.17 12.22
N GLY B 167 4.83 -45.23 12.93
CA GLY B 167 4.77 -46.51 12.27
C GLY B 167 5.89 -46.72 11.28
N VAL B 168 7.03 -46.05 11.46
CA VAL B 168 8.18 -46.19 10.61
C VAL B 168 9.44 -46.30 11.49
N ASP B 169 10.54 -46.74 10.88
CA ASP B 169 11.78 -46.85 11.62
C ASP B 169 12.49 -45.51 11.58
N ALA B 170 13.11 -45.17 12.70
CA ALA B 170 13.91 -43.97 12.84
C ALA B 170 15.08 -44.17 11.86
N PRO B 171 15.60 -43.07 11.31
CA PRO B 171 16.72 -43.23 10.38
C PRO B 171 17.90 -43.95 11.03
N GLU B 172 18.55 -44.82 10.28
CA GLU B 172 19.65 -45.58 10.88
C GLU B 172 20.81 -44.76 11.43
N GLY B 173 21.19 -45.07 12.65
CA GLY B 173 22.30 -44.38 13.26
C GLY B 173 22.04 -42.94 13.71
N ILE B 174 20.81 -42.43 13.60
CA ILE B 174 20.60 -41.06 14.05
C ILE B 174 19.70 -41.11 15.29
N PRO B 175 20.20 -40.68 16.45
CA PRO B 175 19.35 -40.69 17.67
C PRO B 175 18.06 -39.91 17.35
N THR B 176 16.91 -40.56 17.53
CA THR B 176 15.65 -39.91 17.15
C THR B 176 14.67 -39.88 18.32
N LEU B 177 14.04 -38.71 18.49
CA LEU B 177 12.99 -38.50 19.49
C LEU B 177 11.69 -38.20 18.74
N ALA B 178 10.62 -38.92 19.05
CA ALA B 178 9.31 -38.65 18.44
C ALA B 178 8.41 -38.19 19.62
N VAL B 179 7.66 -37.12 19.45
CA VAL B 179 6.79 -36.64 20.53
C VAL B 179 5.39 -36.51 19.92
N PHE B 180 4.38 -37.17 20.55
CA PHE B 180 3.01 -37.17 20.02
C PHE B 180 1.98 -36.54 20.96
N GLY B 181 1.02 -35.85 20.36
CA GLY B 181 -0.02 -35.20 21.13
C GLY B 181 -1.31 -36.00 21.00
N ASN B 182 -2.42 -35.40 21.38
CA ASN B 182 -3.70 -36.11 21.27
C ASN B 182 -4.17 -36.20 19.81
N PRO B 183 -4.37 -37.43 19.30
CA PRO B 183 -4.81 -37.64 17.91
C PRO B 183 -6.17 -37.06 17.50
N LYS B 184 -7.03 -36.70 18.46
CA LYS B 184 -8.30 -36.12 18.13
C LYS B 184 -8.12 -34.76 17.43
N ALA B 185 -6.99 -34.10 17.63
CA ALA B 185 -6.76 -32.80 16.96
C ALA B 185 -6.13 -32.95 15.55
N LEU B 186 -5.88 -34.18 15.14
CA LEU B 186 -5.24 -34.36 13.86
C LEU B 186 -5.74 -35.66 13.31
N PRO B 187 -7.06 -35.77 13.11
CA PRO B 187 -7.66 -37.00 12.57
C PRO B 187 -7.00 -37.41 11.23
N ALA B 188 -6.41 -36.45 10.52
CA ALA B 188 -5.76 -36.76 9.24
C ALA B 188 -4.68 -37.86 9.35
N LEU B 189 -3.95 -37.92 10.47
CA LEU B 189 -2.91 -38.93 10.58
C LEU B 189 -3.31 -40.22 11.32
N GLY B 190 -4.61 -40.47 11.39
CA GLY B 190 -5.11 -41.69 12.03
C GLY B 190 -5.34 -41.70 13.54
N LEU B 191 -5.95 -42.79 14.02
CA LEU B 191 -6.23 -42.97 15.45
C LEU B 191 -5.89 -44.40 15.86
N PRO B 192 -4.59 -44.79 15.85
CA PRO B 192 -4.24 -46.16 16.25
C PRO B 192 -4.21 -46.15 17.77
N GLU B 193 -3.95 -47.29 18.39
CA GLU B 193 -3.88 -47.32 19.85
C GLU B 193 -2.57 -46.67 20.25
N GLU B 194 -1.58 -46.76 19.37
CA GLU B 194 -0.32 -46.13 19.68
C GLU B 194 0.55 -45.76 18.52
N LYS B 195 0.96 -44.50 18.54
CA LYS B 195 1.84 -43.99 17.53
C LYS B 195 3.26 -44.21 18.06
N VAL B 196 4.08 -44.89 17.28
CA VAL B 196 5.44 -45.14 17.71
C VAL B 196 6.38 -44.99 16.53
N VAL B 197 7.58 -44.45 16.74
CA VAL B 197 8.56 -44.46 15.66
C VAL B 197 9.53 -45.54 16.18
N TYR B 198 9.72 -46.62 15.44
CA TYR B 198 10.57 -47.70 15.96
C TYR B 198 12.04 -47.33 16.06
N ASN B 199 12.68 -47.80 17.13
CA ASN B 199 14.08 -47.54 17.38
C ASN B 199 14.33 -46.07 17.72
N ALA B 200 13.28 -45.39 18.12
CA ALA B 200 13.41 -43.99 18.57
C ALA B 200 12.86 -43.94 20.00
N THR B 201 13.09 -42.82 20.67
CA THR B 201 12.54 -42.56 21.99
C THR B 201 11.18 -41.90 21.66
N ASN B 202 10.12 -42.40 22.29
CA ASN B 202 8.79 -41.91 22.03
C ASN B 202 8.21 -41.37 23.32
N VAL B 203 7.78 -40.11 23.26
CA VAL B 203 7.23 -39.39 24.40
C VAL B 203 5.84 -38.93 24.02
N TYR B 204 4.92 -38.93 25.01
CA TYR B 204 3.54 -38.60 24.72
C TYR B 204 2.97 -37.52 25.65
N PHE B 205 2.25 -36.56 25.07
CA PHE B 205 1.56 -35.47 25.79
C PHE B 205 0.09 -35.57 25.32
N ASN B 206 -0.66 -36.49 25.90
CA ASN B 206 -2.05 -36.63 25.46
C ASN B 206 -3.03 -35.53 25.79
N ASN B 207 -2.56 -34.57 26.56
CA ASN B 207 -3.39 -33.45 26.93
C ASN B 207 -3.07 -32.28 26.00
N MET B 208 -2.20 -32.49 25.00
CA MET B 208 -1.90 -31.38 24.06
C MET B 208 -2.42 -31.59 22.65
N THR B 209 -2.76 -30.51 21.97
CA THR B 209 -3.23 -30.58 20.59
C THR B 209 -2.05 -30.37 19.59
N HIS B 210 -2.37 -30.47 18.31
CA HIS B 210 -1.35 -30.52 17.26
C HIS B 210 -0.26 -29.46 17.21
N VAL B 211 -0.63 -28.19 17.09
CA VAL B 211 0.35 -27.13 17.04
C VAL B 211 0.79 -26.79 18.45
N GLN B 212 -0.15 -26.88 19.41
CA GLN B 212 0.27 -26.64 20.78
C GLN B 212 1.47 -27.48 21.13
N LEU B 213 1.48 -28.74 20.69
CA LEU B 213 2.59 -29.62 21.01
C LEU B 213 3.91 -29.05 20.46
N CYS B 214 3.82 -28.49 19.29
CA CYS B 214 5.03 -27.92 18.65
C CYS B 214 5.58 -26.71 19.38
N THR B 215 4.68 -25.90 19.96
CA THR B 215 5.13 -24.66 20.60
C THR B 215 5.22 -24.70 22.15
N SER B 216 4.89 -25.83 22.76
CA SER B 216 4.82 -25.90 24.22
C SER B 216 6.14 -25.88 24.96
N PRO B 217 6.16 -25.28 26.17
CA PRO B 217 7.37 -25.21 27.01
C PRO B 217 7.74 -26.61 27.45
N GLU B 218 6.74 -27.52 27.55
CA GLU B 218 7.07 -28.91 27.92
C GLU B 218 7.82 -29.64 26.82
N THR B 219 7.38 -29.39 25.60
CA THR B 219 8.02 -30.01 24.48
C THR B 219 9.44 -29.43 24.40
N PHE B 220 9.55 -28.15 24.64
CA PHE B 220 10.90 -27.52 24.62
C PHE B 220 11.89 -28.24 25.58
N ALA B 221 11.44 -28.44 26.82
CA ALA B 221 12.29 -29.05 27.83
C ALA B 221 12.76 -30.45 27.39
N VAL B 222 11.85 -31.23 26.83
CA VAL B 222 12.22 -32.56 26.40
C VAL B 222 13.18 -32.50 25.18
N MET B 223 12.92 -31.60 24.24
CA MET B 223 13.81 -31.52 23.06
C MET B 223 15.21 -31.09 23.48
N PHE B 224 15.24 -30.04 24.29
CA PHE B 224 16.50 -29.48 24.80
C PHE B 224 17.29 -30.56 25.51
N GLU B 225 16.63 -31.27 26.44
CA GLU B 225 17.34 -32.32 27.18
C GLU B 225 17.83 -33.48 26.25
N PHE B 226 16.98 -33.85 25.29
CA PHE B 226 17.35 -34.93 24.38
C PHE B 226 18.63 -34.58 23.58
N ILE B 227 18.79 -33.32 23.20
CA ILE B 227 19.94 -32.99 22.36
C ILE B 227 21.13 -32.45 23.09
N ASN B 228 20.92 -31.99 24.31
CA ASN B 228 22.06 -31.45 25.07
C ASN B 228 22.52 -32.34 26.22
N GLY B 229 21.64 -33.23 26.65
CA GLY B 229 22.01 -34.15 27.73
C GLY B 229 21.75 -33.65 29.14
N TYR B 230 21.13 -32.48 29.28
CA TYR B 230 20.78 -31.97 30.59
C TYR B 230 19.57 -31.07 30.44
N LYS B 231 18.84 -30.82 31.52
CA LYS B 231 17.65 -29.99 31.46
C LYS B 231 17.95 -28.51 31.35
N PRO B 232 17.06 -27.76 30.68
CA PRO B 232 17.28 -26.30 30.55
C PRO B 232 16.98 -25.63 31.89
N ALA B 233 17.70 -24.57 32.18
CA ALA B 233 17.51 -23.84 33.42
C ALA B 233 16.12 -23.24 33.44
N THR B 234 15.56 -22.91 32.26
CA THR B 234 14.23 -22.31 32.25
C THR B 234 13.50 -22.63 30.95
N THR B 235 12.18 -22.61 30.99
CA THR B 235 11.39 -22.82 29.76
C THR B 235 10.56 -21.55 29.50
N ASP B 236 10.81 -20.49 30.26
CA ASP B 236 10.03 -19.25 30.10
C ASP B 236 10.55 -18.34 29.00
N ILE B 237 9.73 -17.39 28.57
CA ILE B 237 10.18 -16.41 27.56
C ILE B 237 10.78 -15.29 28.42
N VAL B 238 12.10 -15.29 28.56
CA VAL B 238 12.78 -14.34 29.45
C VAL B 238 13.17 -12.98 28.89
N PRO B 239 12.67 -11.88 29.49
CA PRO B 239 13.03 -10.55 28.98
C PRO B 239 14.55 -10.37 29.04
N GLN B 240 15.14 -9.76 28.03
CA GLN B 240 16.58 -9.58 28.09
C GLN B 240 16.93 -8.25 28.70
N ASP B 241 18.19 -8.06 29.01
CA ASP B 241 18.59 -6.79 29.58
C ASP B 241 18.77 -5.81 28.43
N GLY B 242 18.58 -4.52 28.68
CA GLY B 242 18.76 -3.52 27.63
C GLY B 242 17.40 -2.98 27.24
N ASP B 243 17.34 -1.79 26.64
CA ASP B 243 16.05 -1.24 26.29
C ASP B 243 15.58 -1.65 24.89
N TYR B 244 16.49 -2.18 24.08
CA TYR B 244 16.18 -2.54 22.68
C TYR B 244 16.27 -4.02 22.32
N VAL B 245 15.43 -4.46 21.38
CA VAL B 245 15.49 -5.85 20.96
C VAL B 245 15.63 -5.84 19.45
N LYS B 246 16.26 -6.88 18.92
CA LYS B 246 16.41 -7.02 17.48
C LYS B 246 15.31 -7.98 16.97
N VAL B 247 14.58 -7.60 15.93
CA VAL B 247 13.54 -8.44 15.35
C VAL B 247 13.87 -8.72 13.89
N LYS B 248 13.99 -10.00 13.54
CA LYS B 248 14.14 -10.36 12.14
C LYS B 248 12.85 -11.07 11.83
N GLY B 249 12.13 -10.58 10.83
CA GLY B 249 10.87 -11.20 10.49
C GLY B 249 10.73 -11.37 9.00
N LYS B 250 9.55 -11.83 8.57
CA LYS B 250 9.37 -12.03 7.14
C LYS B 250 7.88 -11.93 6.84
N PHE B 251 7.55 -11.24 5.74
CA PHE B 251 6.15 -11.17 5.25
C PHE B 251 6.13 -12.23 4.18
N LEU B 252 5.27 -13.22 4.32
CA LEU B 252 5.34 -14.29 3.33
C LEU B 252 3.95 -14.79 3.09
N ALA B 253 3.80 -15.48 2.00
CA ALA B 253 2.49 -16.00 1.60
C ALA B 253 2.05 -17.24 2.39
N PHE B 254 0.82 -17.18 2.89
CA PHE B 254 0.31 -18.32 3.64
C PHE B 254 0.42 -19.64 2.85
N ALA B 255 0.94 -20.66 3.52
CA ALA B 255 1.11 -22.03 3.03
C ALA B 255 2.16 -22.29 1.93
N THR B 256 2.33 -21.36 1.00
CA THR B 256 3.35 -21.56 -0.07
C THR B 256 4.67 -20.91 0.39
N ASN B 257 4.55 -20.01 1.36
CA ASN B 257 5.71 -19.32 1.96
C ASN B 257 6.65 -18.52 1.08
N GLY B 258 6.16 -18.11 -0.09
CA GLY B 258 7.00 -17.26 -0.93
C GLY B 258 7.09 -15.84 -0.36
N ASP B 259 8.21 -15.17 -0.64
CA ASP B 259 8.38 -13.80 -0.13
C ASP B 259 7.29 -12.91 -0.66
N VAL B 260 6.74 -12.07 0.20
CA VAL B 260 5.78 -11.08 -0.23
C VAL B 260 6.48 -9.70 -0.18
N SER B 261 6.18 -8.86 -1.18
CA SER B 261 6.77 -7.50 -1.24
C SER B 261 5.74 -6.44 -0.87
N GLY B 262 6.21 -5.36 -0.23
CA GLY B 262 5.29 -4.29 0.15
C GLY B 262 5.97 -3.21 0.97
N TRP B 263 5.20 -2.52 1.81
CA TRP B 263 5.80 -1.44 2.58
C TRP B 263 5.38 -1.59 4.03
N LEU B 264 6.36 -1.54 4.94
CA LEU B 264 6.03 -1.69 6.37
C LEU B 264 6.13 -0.38 7.15
N SER B 265 5.12 -0.09 7.96
CA SER B 265 5.16 1.10 8.79
C SER B 265 4.97 0.63 10.22
N ILE B 266 5.90 0.94 11.11
CA ILE B 266 5.72 0.51 12.49
C ILE B 266 5.40 1.71 13.40
N TYR B 267 4.34 1.59 14.19
CA TYR B 267 3.91 2.63 15.13
C TYR B 267 3.81 2.12 16.59
N PRO B 268 4.43 2.83 17.54
CA PRO B 268 4.29 2.39 18.93
C PRO B 268 2.86 2.81 19.23
N ILE B 269 2.13 2.02 20.01
CA ILE B 269 0.75 2.32 20.31
C ILE B 269 0.48 2.16 21.79
N ASP B 270 -0.62 2.74 22.27
CA ASP B 270 -0.94 2.60 23.69
C ASP B 270 -1.95 1.50 23.85
N GLU B 271 -2.41 1.31 25.09
CA GLU B 271 -3.40 0.30 25.47
C GLU B 271 -4.68 0.32 24.67
N ASN B 272 -5.02 1.44 24.04
CA ASN B 272 -6.25 1.44 23.25
C ASN B 272 -6.02 1.27 21.76
N GLY B 273 -4.76 1.18 21.35
CA GLY B 273 -4.48 1.03 19.94
C GLY B 273 -4.13 2.34 19.29
N LYS B 274 -4.25 3.44 20.03
CA LYS B 274 -3.93 4.77 19.49
C LYS B 274 -2.43 4.92 19.19
N ARG B 275 -2.09 5.33 17.99
CA ARG B 275 -0.68 5.52 17.66
C ARG B 275 -0.09 6.62 18.52
N LEU B 276 1.08 6.38 19.10
CA LEU B 276 1.70 7.38 19.97
C LEU B 276 2.59 8.38 19.22
N THR B 277 2.82 8.16 17.93
CA THR B 277 3.61 9.09 17.16
C THR B 277 2.79 9.39 15.89
N ARG B 278 2.95 10.57 15.31
CA ARG B 278 2.19 10.91 14.10
C ARG B 278 2.76 10.12 12.91
N LEU B 279 4.08 10.06 12.84
CA LEU B 279 4.77 9.31 11.78
C LEU B 279 5.29 7.97 12.31
N PRO B 280 5.41 6.97 11.42
CA PRO B 280 5.92 5.68 11.90
C PRO B 280 7.35 5.80 12.43
N VAL B 281 7.72 4.94 13.37
CA VAL B 281 9.09 5.00 13.88
C VAL B 281 10.08 4.25 13.00
N LYS B 282 9.53 3.38 12.16
CA LYS B 282 10.31 2.66 11.14
C LYS B 282 9.39 2.58 9.90
N PHE B 283 9.96 2.84 8.74
CA PHE B 283 9.19 2.76 7.49
C PHE B 283 10.17 2.13 6.53
N MET B 284 9.76 1.07 5.84
CA MET B 284 10.72 0.44 4.97
C MET B 284 10.12 -0.42 3.91
N ARG B 285 10.85 -0.54 2.80
CA ARG B 285 10.46 -1.44 1.74
C ARG B 285 10.77 -2.88 2.29
N VAL B 286 9.87 -3.82 2.07
CA VAL B 286 10.05 -5.20 2.48
C VAL B 286 9.95 -6.14 1.25
N LYS B 287 10.88 -7.09 1.12
CA LYS B 287 10.82 -8.12 0.07
C LYS B 287 11.08 -9.41 0.90
N GLY B 288 10.02 -9.96 1.50
CA GLY B 288 10.16 -11.11 2.35
C GLY B 288 10.78 -10.79 3.72
N ASP B 289 12.08 -11.09 3.85
CA ASP B 289 12.88 -10.90 5.09
C ASP B 289 13.18 -9.45 5.44
N PHE B 290 12.89 -9.03 6.68
CA PHE B 290 13.22 -7.69 7.15
C PHE B 290 13.85 -7.74 8.55
N GLU B 291 14.51 -6.66 8.92
CA GLU B 291 15.15 -6.54 10.23
C GLU B 291 14.93 -5.13 10.82
N VAL B 292 14.53 -5.07 12.10
CA VAL B 292 14.36 -3.78 12.75
C VAL B 292 14.78 -3.87 14.22
N ARG B 293 15.18 -2.74 14.78
CA ARG B 293 15.53 -2.69 16.18
C ARG B 293 14.36 -1.99 16.86
N LEU B 294 13.79 -2.56 17.90
CA LEU B 294 12.69 -1.92 18.55
C LEU B 294 12.90 -1.83 20.06
N ARG B 295 12.00 -1.14 20.75
CA ARG B 295 12.09 -1.01 22.18
C ARG B 295 11.53 -2.23 22.90
N LYS B 296 12.33 -2.79 23.80
CA LYS B 296 11.86 -3.93 24.57
C LYS B 296 10.60 -3.55 25.36
N GLY B 297 9.56 -4.38 25.33
CA GLY B 297 8.34 -4.15 26.08
C GLY B 297 7.35 -3.14 25.55
N GLN B 298 7.62 -2.57 24.38
CA GLN B 298 6.72 -1.57 23.83
C GLN B 298 5.73 -2.21 22.89
N LEU B 299 4.46 -1.84 23.07
CA LEU B 299 3.36 -2.31 22.23
C LEU B 299 3.47 -1.61 20.87
N TYR B 300 3.37 -2.40 19.78
CA TYR B 300 3.50 -1.86 18.43
C TYR B 300 2.41 -2.36 17.50
N GLU B 301 2.12 -1.56 16.49
CA GLU B 301 1.19 -1.89 15.43
C GLU B 301 2.12 -2.04 14.23
N PHE B 302 2.05 -3.16 13.51
CA PHE B 302 2.84 -3.32 12.28
C PHE B 302 1.87 -3.10 11.12
N GLN B 303 1.99 -2.00 10.40
CA GLN B 303 1.05 -1.75 9.32
C GLN B 303 1.80 -2.13 8.05
N PHE B 304 1.11 -2.87 7.20
CA PHE B 304 1.72 -3.35 5.97
C PHE B 304 0.84 -3.11 4.76
N ARG B 305 1.46 -2.69 3.67
CA ARG B 305 0.77 -2.49 2.38
C ARG B 305 1.44 -3.50 1.47
N LYS B 306 0.71 -4.49 0.93
CA LYS B 306 1.36 -5.46 0.01
C LYS B 306 1.23 -4.96 -1.40
N ASP B 307 2.26 -5.19 -2.21
CA ASP B 307 2.21 -4.79 -3.61
C ASP B 307 0.93 -5.24 -4.33
N PHE B 308 0.43 -4.34 -5.13
CA PHE B 308 -0.75 -4.55 -5.95
C PHE B 308 -2.07 -4.72 -5.25
N SER B 309 -2.11 -4.44 -3.96
CA SER B 309 -3.38 -4.49 -3.24
C SER B 309 -3.63 -3.19 -2.53
N PRO B 310 -4.87 -2.71 -2.55
CA PRO B 310 -5.18 -1.45 -1.89
C PRO B 310 -5.45 -1.64 -0.43
N ILE B 311 -5.54 -2.88 0.01
CA ILE B 311 -5.86 -3.10 1.40
C ILE B 311 -4.72 -2.73 2.36
N ILE B 312 -5.07 -2.16 3.50
CA ILE B 312 -4.05 -1.83 4.49
C ILE B 312 -4.18 -2.85 5.62
N TYR B 313 -3.05 -3.48 5.93
CA TYR B 313 -3.02 -4.50 6.98
C TYR B 313 -2.45 -3.96 8.28
N HIS B 314 -3.09 -4.31 9.37
CA HIS B 314 -2.68 -3.89 10.71
C HIS B 314 -2.50 -5.16 11.51
N TYR B 315 -1.24 -5.47 11.79
CA TYR B 315 -0.90 -6.68 12.57
C TYR B 315 -0.60 -6.23 14.03
N TYR B 316 -1.23 -6.92 14.97
CA TYR B 316 -1.02 -6.65 16.39
C TYR B 316 -0.55 -7.92 17.09
N ARG B 317 0.20 -7.74 18.18
CA ARG B 317 0.73 -8.84 19.00
C ARG B 317 1.32 -8.25 20.28
N ALA B 318 1.70 -9.11 21.20
CA ALA B 318 2.28 -8.67 22.46
C ALA B 318 3.65 -8.05 22.21
N PRO B 319 4.12 -7.25 23.15
CA PRO B 319 5.43 -6.61 23.01
C PRO B 319 6.54 -7.65 22.90
N PHE B 320 7.63 -7.29 22.25
CA PHE B 320 8.77 -8.17 22.18
C PHE B 320 9.59 -7.93 23.47
N VAL B 321 9.98 -8.99 24.17
CA VAL B 321 10.75 -8.83 25.41
C VAL B 321 12.18 -9.28 25.25
N ARG B 322 12.51 -9.86 24.10
CA ARG B 322 13.89 -10.26 23.81
C ARG B 322 13.99 -10.40 22.31
N ASP B 323 15.21 -10.52 21.80
CA ASP B 323 15.41 -10.67 20.36
C ASP B 323 14.50 -11.77 19.77
N ASP B 324 13.91 -11.52 18.62
CA ASP B 324 13.03 -12.51 18.02
C ASP B 324 13.41 -12.55 16.57
N LEU B 325 14.05 -13.65 16.16
CA LEU B 325 14.53 -13.76 14.78
C LEU B 325 13.66 -14.62 13.90
N TRP B 326 12.44 -14.90 14.38
CA TRP B 326 11.52 -15.83 13.71
C TRP B 326 10.12 -15.30 13.54
N ALA B 327 9.94 -13.97 13.60
CA ALA B 327 8.60 -13.39 13.48
C ALA B 327 8.05 -13.56 12.07
N ARG B 328 6.78 -13.98 11.96
CA ARG B 328 6.18 -14.19 10.63
C ARG B 328 4.87 -13.42 10.52
N PHE B 329 4.71 -12.71 9.41
CA PHE B 329 3.52 -11.91 9.14
C PHE B 329 2.98 -12.54 7.87
N LEU B 330 1.90 -13.29 8.03
CA LEU B 330 1.31 -14.04 6.95
C LEU B 330 0.45 -13.20 6.04
N VAL B 331 0.58 -13.44 4.75
CA VAL B 331 -0.13 -12.69 3.74
C VAL B 331 -0.88 -13.65 2.84
N SER B 332 -2.05 -13.25 2.38
CA SER B 332 -2.83 -14.10 1.49
C SER B 332 -2.44 -13.90 0.02
N LYS B 333 -2.17 -15.00 -0.68
CA LYS B 333 -1.78 -14.95 -2.07
C LYS B 333 -2.21 -16.21 -2.85
N PRO B 334 -2.38 -16.10 -4.17
CA PRO B 334 -2.75 -17.33 -4.90
C PRO B 334 -1.49 -18.25 -4.83
N PRO B 335 -1.65 -19.58 -5.00
CA PRO B 335 -2.88 -20.33 -5.28
C PRO B 335 -3.87 -20.56 -4.15
N LEU B 336 -3.46 -20.24 -2.91
CA LEU B 336 -4.34 -20.42 -1.78
C LEU B 336 -4.62 -19.06 -1.16
N ASP B 337 -5.37 -18.25 -1.89
CA ASP B 337 -5.70 -16.89 -1.48
C ASP B 337 -6.94 -16.89 -0.56
N VAL B 338 -6.72 -17.25 0.69
CA VAL B 338 -7.80 -17.36 1.69
C VAL B 338 -8.54 -16.04 1.95
N GLU B 339 -7.85 -14.91 1.80
CA GLU B 339 -8.50 -13.62 2.02
C GLU B 339 -9.56 -13.35 0.95
N LEU B 340 -9.36 -13.88 -0.26
CA LEU B 340 -10.32 -13.70 -1.34
C LEU B 340 -11.70 -14.20 -0.92
N LEU B 341 -11.73 -15.19 -0.05
CA LEU B 341 -13.00 -15.73 0.41
C LEU B 341 -13.96 -14.69 1.02
N ILE B 342 -13.44 -13.66 1.69
CA ILE B 342 -14.33 -12.65 2.29
C ILE B 342 -14.42 -11.39 1.46
N LEU B 343 -14.05 -11.50 0.19
CA LEU B 343 -14.10 -10.35 -0.72
C LEU B 343 -15.53 -9.90 -1.00
N PRO B 344 -16.51 -10.83 -0.96
CA PRO B 344 -17.87 -10.34 -1.24
C PRO B 344 -18.30 -9.37 -0.15
N GLU B 345 -18.04 -9.75 1.09
CA GLU B 345 -18.41 -8.90 2.21
C GLU B 345 -17.66 -7.59 2.09
N ARG B 346 -16.38 -7.67 1.73
CA ARG B 346 -15.51 -6.50 1.60
C ARG B 346 -15.93 -5.50 0.49
N LEU B 347 -16.57 -5.99 -0.56
CA LEU B 347 -16.96 -5.07 -1.64
C LEU B 347 -18.37 -4.51 -1.49
N SER B 348 -19.02 -4.78 -0.36
CA SER B 348 -20.38 -4.28 -0.18
C SER B 348 -20.46 -3.03 0.70
N PRO B 349 -21.65 -2.37 0.75
CA PRO B 349 -21.87 -1.15 1.55
C PRO B 349 -21.52 -1.28 3.03
N ALA B 350 -21.97 -2.36 3.66
CA ALA B 350 -21.70 -2.57 5.08
C ALA B 350 -20.20 -2.65 5.39
N ALA B 351 -19.38 -3.02 4.41
CA ALA B 351 -17.93 -3.13 4.62
C ALA B 351 -17.35 -1.87 5.22
N LYS B 352 -17.97 -0.74 4.91
CA LYS B 352 -17.52 0.55 5.42
C LYS B 352 -18.01 0.69 6.86
N GLU B 353 -19.02 -0.10 7.22
CA GLU B 353 -19.64 -0.07 8.53
C GLU B 353 -19.09 -1.02 9.59
N THR B 354 -18.30 -2.02 9.16
CA THR B 354 -17.82 -2.97 10.16
C THR B 354 -16.37 -3.37 9.94
N SER B 355 -15.80 -3.98 10.98
CA SER B 355 -14.42 -4.43 10.92
C SER B 355 -14.35 -5.93 10.61
N GLY B 356 -13.17 -6.39 10.23
CA GLY B 356 -12.97 -7.82 9.94
C GLY B 356 -11.63 -8.17 10.57
N LEU B 357 -11.60 -9.25 11.36
CA LEU B 357 -10.35 -9.62 11.99
C LEU B 357 -10.00 -11.08 11.86
N LEU B 358 -8.71 -11.35 11.94
CA LEU B 358 -8.22 -12.72 11.89
C LEU B 358 -7.50 -12.83 13.19
N LEU B 359 -7.86 -13.83 14.00
CA LEU B 359 -7.21 -14.08 15.28
C LEU B 359 -6.34 -15.35 15.16
N ILE B 360 -5.06 -15.22 15.48
CA ILE B 360 -4.12 -16.35 15.36
C ILE B 360 -3.47 -16.74 16.66
N ARG B 361 -3.43 -18.04 16.93
CA ARG B 361 -2.69 -18.51 18.09
C ARG B 361 -2.11 -19.88 17.72
N TYR B 362 -0.79 -20.04 17.89
CA TYR B 362 -0.20 -21.33 17.53
C TYR B 362 -0.31 -22.29 18.71
N LYS B 363 -1.58 -22.55 19.09
CA LYS B 363 -1.93 -23.42 20.20
C LYS B 363 -3.43 -23.42 19.95
N GLU B 364 -3.97 -24.60 19.66
CA GLU B 364 -5.36 -24.67 19.20
C GLU B 364 -6.35 -23.97 20.13
N MET B 365 -7.29 -23.24 19.53
CA MET B 365 -8.37 -22.56 20.29
C MET B 365 -9.48 -23.63 20.27
N ILE B 366 -9.84 -24.12 21.46
CA ILE B 366 -10.81 -25.23 21.55
C ILE B 366 -12.08 -24.81 22.32
N GLY B 367 -13.24 -25.02 21.71
CA GLY B 367 -14.49 -24.64 22.36
C GLY B 367 -15.30 -25.85 22.78
N GLU B 368 -14.72 -27.03 22.59
CA GLU B 368 -15.32 -28.33 22.92
C GLU B 368 -14.64 -29.08 24.08
N TYR B 369 -15.39 -29.45 25.12
CA TYR B 369 -14.75 -30.15 26.23
C TYR B 369 -14.34 -31.57 25.88
N ASP B 370 -13.24 -32.01 26.47
CA ASP B 370 -12.74 -33.36 26.27
C ASP B 370 -11.97 -33.82 27.51
N GLU B 371 -12.18 -35.07 27.91
CA GLU B 371 -11.55 -35.59 29.11
C GLU B 371 -10.02 -35.51 29.13
N GLU B 372 -9.41 -35.79 27.99
CA GLU B 372 -7.97 -35.79 27.85
C GLU B 372 -7.32 -34.40 27.75
N ILE B 373 -7.94 -33.49 26.99
CA ILE B 373 -7.41 -32.12 26.81
C ILE B 373 -7.65 -31.27 28.08
N GLY B 374 -8.80 -31.46 28.72
CA GLY B 374 -9.04 -30.80 29.98
C GLY B 374 -9.67 -29.43 30.20
N GLY B 375 -10.06 -28.72 29.16
CA GLY B 375 -10.64 -27.41 29.36
C GLY B 375 -10.88 -26.72 28.02
N VAL B 376 -11.52 -25.57 28.01
CA VAL B 376 -11.77 -24.90 26.73
C VAL B 376 -11.25 -23.51 26.87
N ASP B 377 -10.94 -22.91 25.72
CA ASP B 377 -10.54 -21.53 25.67
C ASP B 377 -11.81 -20.72 25.50
N GLU B 378 -11.73 -19.46 25.89
CA GLU B 378 -12.82 -18.51 25.66
C GLU B 378 -12.16 -17.36 24.90
N VAL B 379 -12.72 -17.01 23.75
CA VAL B 379 -12.17 -15.89 22.97
C VAL B 379 -13.26 -14.84 22.73
N TYR B 380 -13.09 -13.72 23.43
CA TYR B 380 -14.04 -12.60 23.36
C TYR B 380 -13.72 -11.46 22.45
N VAL B 381 -14.70 -11.15 21.59
CA VAL B 381 -14.58 -10.02 20.66
C VAL B 381 -15.73 -9.10 21.08
N ASN B 382 -15.41 -7.94 21.63
CA ASN B 382 -16.43 -7.00 22.11
C ASN B 382 -17.38 -7.72 23.05
N GLY B 383 -16.83 -8.53 23.95
CA GLY B 383 -17.65 -9.26 24.90
C GLY B 383 -18.41 -10.49 24.42
N VAL B 384 -18.25 -10.89 23.16
CA VAL B 384 -18.96 -12.06 22.67
C VAL B 384 -17.98 -13.23 22.45
N ASN B 385 -18.24 -14.37 23.11
CA ASN B 385 -17.37 -15.55 22.94
C ASN B 385 -17.51 -16.21 21.59
N VAL B 386 -16.47 -16.10 20.75
CA VAL B 386 -16.54 -16.73 19.44
C VAL B 386 -15.86 -18.09 19.42
N CYS B 387 -15.31 -18.54 20.53
CA CYS B 387 -14.70 -19.87 20.56
C CYS B 387 -15.73 -20.87 21.10
N THR B 388 -16.69 -21.24 20.25
CA THR B 388 -17.76 -22.15 20.67
C THR B 388 -17.51 -23.58 20.24
N GLU B 389 -18.33 -24.53 20.69
CA GLU B 389 -17.98 -25.87 20.26
C GLU B 389 -18.29 -26.09 18.82
N ARG B 390 -19.17 -25.26 18.24
CA ARG B 390 -19.46 -25.44 16.83
C ARG B 390 -18.36 -24.79 16.00
N ILE B 391 -17.89 -23.63 16.44
CA ILE B 391 -16.90 -22.90 15.66
C ILE B 391 -15.48 -23.44 15.88
N CYS B 392 -15.18 -23.84 17.11
CA CYS B 392 -13.84 -24.36 17.46
C CYS B 392 -13.76 -25.76 18.02
N PRO B 393 -14.28 -26.73 17.26
CA PRO B 393 -14.24 -28.12 17.73
C PRO B 393 -12.79 -28.60 17.71
N ILE B 394 -12.50 -29.62 18.51
CA ILE B 394 -11.14 -30.17 18.59
C ILE B 394 -10.58 -30.68 17.26
N GLU B 395 -11.45 -31.31 16.47
CA GLU B 395 -11.02 -31.89 15.21
C GLU B 395 -10.58 -30.90 14.18
N ARG B 396 -10.99 -29.65 14.32
CA ARG B 396 -10.61 -28.62 13.39
C ARG B 396 -9.27 -27.99 13.71
N ALA B 397 -8.69 -28.24 14.90
CA ALA B 397 -7.34 -27.71 15.27
C ALA B 397 -7.25 -26.25 14.90
N VAL B 398 -8.14 -25.44 15.46
CA VAL B 398 -8.16 -24.02 15.08
C VAL B 398 -7.03 -23.13 15.60
N ASN B 399 -6.21 -22.68 14.64
CA ASN B 399 -5.09 -21.79 14.90
C ASN B 399 -5.37 -20.40 14.34
N GLY B 400 -6.34 -20.26 13.43
CA GLY B 400 -6.65 -18.93 12.88
C GLY B 400 -8.18 -18.84 12.85
N LEU B 401 -8.72 -17.80 13.44
CA LEU B 401 -10.19 -17.66 13.50
C LEU B 401 -10.58 -16.36 12.83
N TRP B 402 -11.34 -16.43 11.74
CA TRP B 402 -11.76 -15.24 11.03
C TRP B 402 -13.05 -14.73 11.70
N VAL B 403 -13.14 -13.45 11.98
CA VAL B 403 -14.36 -12.90 12.63
C VAL B 403 -14.78 -11.72 11.80
N PHE B 404 -15.93 -11.85 11.12
CA PHE B 404 -16.48 -10.79 10.24
C PHE B 404 -17.99 -11.04 10.01
N ASP B 405 -18.66 -10.03 9.48
CA ASP B 405 -20.11 -10.13 9.22
C ASP B 405 -20.35 -10.86 7.93
N ARG B 406 -20.48 -12.18 8.06
CA ARG B 406 -20.72 -13.02 6.91
C ARG B 406 -22.04 -12.56 6.34
N GLY B 407 -22.09 -12.43 5.02
CA GLY B 407 -23.30 -11.97 4.38
C GLY B 407 -23.41 -10.46 4.37
N ALA B 408 -22.55 -9.75 5.12
CA ALA B 408 -22.58 -8.30 5.18
C ALA B 408 -24.02 -7.85 5.37
N ASP B 409 -24.75 -8.60 6.21
CA ASP B 409 -26.17 -8.33 6.45
C ASP B 409 -26.46 -7.70 7.81
N GLY B 410 -25.40 -7.37 8.55
CA GLY B 410 -25.58 -6.76 9.86
C GLY B 410 -26.06 -7.75 10.89
N LYS B 411 -26.11 -9.02 10.50
CA LYS B 411 -26.54 -10.10 11.38
C LYS B 411 -25.34 -10.96 11.81
N SER B 412 -25.25 -11.15 13.13
CA SER B 412 -24.19 -11.92 13.79
C SER B 412 -24.70 -13.32 14.09
N ASP B 413 -24.69 -14.19 13.07
CA ASP B 413 -25.20 -15.55 13.21
C ASP B 413 -24.14 -16.54 13.67
N LEU B 414 -23.89 -16.62 14.98
CA LEU B 414 -22.88 -17.53 15.50
C LEU B 414 -23.21 -19.02 15.41
N ASP B 415 -24.48 -19.37 15.52
CA ASP B 415 -24.85 -20.77 15.47
C ASP B 415 -24.74 -21.36 14.08
N ARG B 416 -24.73 -20.50 13.07
CA ARG B 416 -24.58 -20.97 11.68
C ARG B 416 -23.12 -20.73 11.27
N GLU B 417 -22.45 -21.79 10.87
CA GLU B 417 -21.04 -21.69 10.51
C GLU B 417 -20.77 -21.12 9.15
N VAL B 418 -19.59 -20.50 9.05
CA VAL B 418 -19.16 -19.92 7.80
C VAL B 418 -18.47 -21.04 7.01
N VAL B 419 -19.24 -21.62 6.10
CA VAL B 419 -18.80 -22.73 5.28
C VAL B 419 -17.52 -22.50 4.51
N ARG B 420 -17.36 -21.33 3.92
CA ARG B 420 -16.15 -21.06 3.16
C ARG B 420 -14.87 -21.50 3.88
N TYR B 421 -14.88 -21.42 5.20
CA TYR B 421 -13.69 -21.79 6.00
C TYR B 421 -13.72 -23.21 6.57
N SER B 422 -14.84 -23.89 6.38
CA SER B 422 -15.07 -25.23 6.89
C SER B 422 -14.03 -26.32 6.55
N ILE B 423 -13.34 -26.21 5.42
CA ILE B 423 -12.28 -27.20 5.15
C ILE B 423 -10.92 -26.52 5.06
N MET B 424 -10.84 -25.24 5.40
CA MET B 424 -9.54 -24.57 5.33
C MET B 424 -8.70 -25.15 6.48
N PRO B 425 -7.45 -25.53 6.19
CA PRO B 425 -6.64 -26.13 7.26
C PRO B 425 -6.44 -25.27 8.47
N PHE B 426 -6.67 -25.84 9.64
CA PHE B 426 -6.39 -25.14 10.92
C PHE B 426 -7.08 -23.80 11.07
N MET B 427 -8.18 -23.63 10.34
CA MET B 427 -8.95 -22.38 10.39
C MET B 427 -10.46 -22.59 10.61
N SER B 428 -11.11 -21.52 11.06
CA SER B 428 -12.56 -21.53 11.23
C SER B 428 -12.99 -20.07 11.19
N ALA B 429 -14.28 -19.78 11.40
CA ALA B 429 -14.68 -18.41 11.30
C ALA B 429 -15.96 -18.23 12.10
N ALA B 430 -16.19 -17.01 12.54
CA ALA B 430 -17.39 -16.67 13.33
C ALA B 430 -18.12 -15.49 12.72
N ASP B 431 -19.43 -15.64 12.53
CA ASP B 431 -20.23 -14.56 11.95
C ASP B 431 -20.61 -13.60 13.05
N LEU B 432 -19.85 -12.52 13.17
CA LEU B 432 -20.15 -11.55 14.20
C LEU B 432 -19.97 -10.14 13.67
N VAL B 433 -20.96 -9.31 13.97
CA VAL B 433 -20.94 -7.93 13.54
C VAL B 433 -20.03 -7.15 14.45
N VAL B 434 -18.98 -6.56 13.89
CA VAL B 434 -18.05 -5.76 14.67
C VAL B 434 -18.06 -4.38 14.00
N PRO B 435 -18.71 -3.39 14.64
CA PRO B 435 -18.81 -2.01 14.13
C PRO B 435 -17.45 -1.35 13.89
N ALA B 436 -17.28 -0.72 12.73
CA ALA B 436 -16.02 -0.08 12.36
C ALA B 436 -15.64 1.28 12.95
N GLU B 437 -16.18 1.66 14.08
CA GLU B 437 -15.70 2.94 14.57
C GLU B 437 -15.25 2.80 15.98
N GLY B 438 -14.31 3.62 16.40
CA GLY B 438 -13.83 3.51 17.75
C GLY B 438 -12.85 2.36 17.86
N THR B 439 -13.09 1.47 18.81
CA THR B 439 -12.19 0.35 19.01
C THR B 439 -12.85 -1.03 19.11
N ILE B 440 -12.01 -2.06 19.12
CA ILE B 440 -12.50 -3.42 19.25
C ILE B 440 -11.82 -3.99 20.47
N SER B 441 -12.59 -4.73 21.26
CA SER B 441 -12.02 -5.34 22.44
C SER B 441 -11.84 -6.85 22.15
N ILE B 442 -10.61 -7.33 22.33
CA ILE B 442 -10.32 -8.75 22.14
C ILE B 442 -9.58 -9.36 23.35
N ALA B 443 -10.13 -10.47 23.86
CA ALA B 443 -9.55 -11.12 25.02
C ALA B 443 -9.64 -12.62 24.90
N VAL B 444 -8.56 -13.31 25.27
CA VAL B 444 -8.60 -14.73 25.25
C VAL B 444 -8.28 -15.21 26.68
N LYS B 445 -9.09 -16.14 27.18
CA LYS B 445 -8.86 -16.75 28.49
C LYS B 445 -8.50 -18.17 28.08
N SER B 446 -7.24 -18.52 28.24
CA SER B 446 -6.74 -19.80 27.80
C SER B 446 -7.04 -21.02 28.62
N ARG B 447 -7.33 -22.11 27.91
CA ARG B 447 -7.55 -23.37 28.60
C ARG B 447 -6.30 -23.82 29.42
N THR B 448 -5.13 -23.23 29.16
CA THR B 448 -3.93 -23.60 29.90
C THR B 448 -3.67 -22.54 31.00
N GLY B 449 -4.66 -21.67 31.23
CA GLY B 449 -4.57 -20.64 32.24
C GLY B 449 -4.07 -19.31 31.70
N GLY B 450 -4.47 -18.22 32.35
CA GLY B 450 -4.01 -16.91 31.90
C GLY B 450 -4.97 -16.24 30.94
N GLU B 451 -4.80 -14.93 30.76
CA GLU B 451 -5.65 -14.15 29.87
C GLU B 451 -4.72 -13.15 29.20
N GLU B 452 -5.08 -12.76 27.99
CA GLU B 452 -4.31 -11.78 27.22
C GLU B 452 -5.37 -11.02 26.50
N SER B 453 -5.30 -9.69 26.58
CA SER B 453 -6.30 -8.90 25.90
C SER B 453 -5.70 -7.78 25.11
N PHE B 454 -6.42 -7.39 24.08
CA PHE B 454 -6.01 -6.29 23.21
C PHE B 454 -7.20 -5.36 22.96
N THR B 455 -6.91 -4.08 22.81
CA THR B 455 -7.93 -3.13 22.47
C THR B 455 -7.30 -2.41 21.32
N ILE B 456 -7.95 -2.47 20.17
CA ILE B 456 -7.43 -1.88 18.94
C ILE B 456 -8.45 -1.07 18.15
N PRO B 457 -7.97 -0.23 17.20
CA PRO B 457 -8.88 0.58 16.37
C PRO B 457 -9.81 -0.33 15.55
N ALA B 458 -11.09 0.04 15.44
CA ALA B 458 -11.99 -0.77 14.65
C ALA B 458 -11.90 -0.32 13.18
N TRP B 459 -10.79 -0.67 12.51
CA TRP B 459 -10.58 -0.32 11.12
C TRP B 459 -11.70 -0.89 10.26
N SER B 460 -12.24 -0.12 9.34
CA SER B 460 -13.33 -0.62 8.50
C SER B 460 -12.83 -1.60 7.47
N ALA B 461 -13.61 -2.66 7.24
CA ALA B 461 -13.24 -3.74 6.31
C ALA B 461 -13.16 -3.41 4.84
N ASP B 462 -13.75 -2.29 4.43
CA ASP B 462 -13.69 -1.93 3.04
C ASP B 462 -12.26 -1.62 2.62
N ARG B 463 -11.49 -1.07 3.57
CA ARG B 463 -10.13 -0.64 3.30
C ARG B 463 -9.02 -1.31 4.14
N HIS B 464 -9.39 -1.87 5.29
CA HIS B 464 -8.41 -2.46 6.22
C HIS B 464 -8.63 -3.93 6.61
N SER B 465 -7.55 -4.60 7.00
CA SER B 465 -7.59 -5.99 7.48
C SER B 465 -6.81 -5.95 8.79
N ILE B 466 -7.36 -6.59 9.81
CA ILE B 466 -6.78 -6.63 11.11
C ILE B 466 -6.34 -8.07 11.42
N ILE B 467 -5.12 -8.20 11.91
CA ILE B 467 -4.68 -9.55 12.27
C ILE B 467 -4.14 -9.41 13.69
N VAL B 468 -4.65 -10.24 14.59
CA VAL B 468 -4.22 -10.21 15.98
C VAL B 468 -3.64 -11.56 16.31
N GLN B 469 -2.39 -11.54 16.75
CA GLN B 469 -1.73 -12.78 17.11
C GLN B 469 -1.60 -12.94 18.60
N PHE B 470 -2.34 -13.91 19.14
CA PHE B 470 -2.25 -14.21 20.59
C PHE B 470 -0.99 -14.98 20.86
N SER B 471 -0.39 -14.73 22.04
CA SER B 471 0.81 -15.41 22.42
C SER B 471 0.49 -16.89 22.66
N ASP B 472 1.39 -17.80 22.21
CA ASP B 472 1.12 -19.20 22.44
C ASP B 472 1.61 -19.69 23.79
N TYR B 473 2.13 -18.77 24.62
CA TYR B 473 2.61 -19.08 25.99
C TYR B 473 1.92 -18.10 26.96
N ILE B 474 1.88 -18.41 28.25
CA ILE B 474 1.16 -17.49 29.16
C ILE B 474 1.71 -16.07 29.13
OH2 1PE C . 0.39 17.78 -6.03
C12 1PE C . -0.13 18.17 -7.33
C22 1PE C . -1.41 17.37 -7.62
OH3 1PE C . -2.02 17.68 -8.89
C13 1PE C . -3.64 16.93 -10.68
C23 1PE C . -3.04 16.70 -9.27
OH4 1PE C . -4.39 15.75 -11.14
C14 1PE C . -5.78 14.57 -12.88
C24 1PE C . -5.13 15.94 -12.39
OH5 1PE C . -5.68 14.44 -14.34
C15 1PE C . -4.66 13.20 -16.18
C25 1PE C . -5.35 13.10 -14.82
OH6 1PE C . -4.74 11.97 -16.91
C16 1PE C . -5.10 11.22 -19.16
C26 1PE C . -4.27 12.10 -18.26
OH7 1PE C . -5.75 12.02 -20.17
MG MG D . 14.04 38.83 1.20
MG MG E . -5.89 46.78 -30.78
MG MG F . -23.80 3.29 -15.66
OH2 1PE G . -3.78 -14.01 6.12
C12 1PE G . -3.22 -15.30 5.75
C22 1PE G . -4.01 -16.45 6.36
OH3 1PE G . -3.36 -16.95 7.55
C13 1PE G . -3.48 -18.21 9.63
C23 1PE G . -4.11 -17.98 8.25
OH4 1PE G . -3.76 -19.54 10.19
C14 1PE G . -2.58 -21.65 10.70
C24 1PE G . -2.61 -20.12 10.88
OH5 1PE G . -1.29 -22.25 11.11
C15 1PE G . -0.03 -24.35 11.30
C25 1PE G . -1.32 -23.71 10.94
OH6 1PE G . -0.09 -25.76 11.08
MG MG H . -23.79 -11.80 9.04
MG MG I . 23.06 -37.30 22.04
#